data_7MWA
#
_entry.id   7MWA
#
_cell.length_a   199.378
_cell.length_b   71.680
_cell.length_c   111.261
_cell.angle_alpha   90.000
_cell.angle_beta   118.940
_cell.angle_gamma   90.000
#
_symmetry.space_group_name_H-M   'C 1 2 1'
#
loop_
_entity.id
_entity.type
_entity.pdbx_description
1 polymer '2-polyprenyl-6-methoxyphenol 4-hydroxylase'
2 non-polymer 'CITRIC ACID'
3 non-polymer 'CHLORIDE ION'
4 non-polymer 1,2-ETHANEDIOL
5 water water
#
_entity_poly.entity_id   1
_entity_poly.type   'polypeptide(L)'
_entity_poly.pdbx_seq_one_letter_code
;MQQQVIIVGGGMVGLSLSLMLAKANIAVKLLEAVKYPNYDDQNVAPYHSSFDARNTALSRRSVQIYQKLGLWDALQQHAT
PILQVHITEQGSFGKARLVAEQEKVESFGQVIENAWLGRVLLTQVRQQPLIELIDGVQVTALTQDAEQVYIEAQRGDEIL
KLESKLLIAADGRDSFCRQAIGVGVDVHDYDQVAIVTTVQTSKPHEHVGFERFSALGPLALLPLPGEYRRSVVWPVKKGT
EGEWLGEENDQHFLDALQKTYGDRAGKFEKTGKRFSYPLSQVLAHKQAVGRVILMGNAAHTIHPVAGQGFNLCLRDADVL
LRYLVNQLSASDDIGNPDNLLAYEQARLSDQQRVIKFCDTVVRGFSNQNPLLKLIRNTGLIAFDVIPGVKPLVANYAMGL
KA
;
_entity_poly.pdbx_strand_id   A,B
#
# COMPACT_ATOMS: atom_id res chain seq x y z
N GLN A 3 9.68 1.55 -11.67
CA GLN A 3 10.38 0.58 -12.52
C GLN A 3 11.11 1.29 -13.66
N GLN A 4 10.55 1.25 -14.87
CA GLN A 4 11.20 1.88 -16.02
C GLN A 4 10.21 2.48 -17.02
N VAL A 5 9.08 1.85 -17.19
CA VAL A 5 7.97 2.40 -17.96
C VAL A 5 6.76 2.81 -17.13
N ILE A 6 6.24 4.01 -17.37
CA ILE A 6 5.11 4.55 -16.63
C ILE A 6 3.90 4.59 -17.55
N ILE A 7 2.85 3.86 -17.17
CA ILE A 7 1.55 3.94 -17.84
C ILE A 7 0.61 4.69 -16.91
N VAL A 8 0.02 5.77 -17.42
CA VAL A 8 -0.92 6.59 -16.65
C VAL A 8 -2.33 6.21 -17.10
N GLY A 9 -3.07 5.54 -16.22
CA GLY A 9 -4.41 5.09 -16.54
C GLY A 9 -4.57 3.60 -16.34
N GLY A 10 -5.43 3.22 -15.39
CA GLY A 10 -5.60 1.82 -15.06
C GLY A 10 -6.89 1.21 -15.58
N GLY A 11 -7.37 1.69 -16.71
CA GLY A 11 -8.55 1.13 -17.35
C GLY A 11 -8.22 -0.14 -18.11
N MET A 12 -9.15 -0.52 -18.99
CA MET A 12 -8.96 -1.73 -19.77
C MET A 12 -7.76 -1.63 -20.70
N VAL A 13 -7.44 -0.42 -21.16
CA VAL A 13 -6.30 -0.23 -22.04
C VAL A 13 -4.99 -0.28 -21.24
N GLY A 14 -4.91 0.51 -20.18
CA GLY A 14 -3.69 0.55 -19.38
C GLY A 14 -3.35 -0.79 -18.76
N LEU A 15 -4.37 -1.52 -18.30
CA LEU A 15 -4.13 -2.84 -17.74
C LEU A 15 -3.66 -3.81 -18.82
N SER A 16 -4.26 -3.75 -20.01
CA SER A 16 -3.83 -4.63 -21.10
C SER A 16 -2.42 -4.29 -21.55
N LEU A 17 -2.09 -3.00 -21.64
CA LEU A 17 -0.76 -2.60 -22.08
C LEU A 17 0.30 -3.03 -21.06
N SER A 18 0.01 -2.89 -19.77
CA SER A 18 0.97 -3.31 -18.75
C SER A 18 1.20 -4.81 -18.79
N LEU A 19 0.15 -5.59 -19.07
CA LEU A 19 0.32 -7.02 -19.20
C LEU A 19 1.06 -7.39 -20.48
N MET A 20 0.87 -6.61 -21.54
CA MET A 20 1.61 -6.88 -22.77
C MET A 20 3.09 -6.56 -22.61
N LEU A 21 3.41 -5.50 -21.87
CA LEU A 21 4.81 -5.19 -21.60
C LEU A 21 5.44 -6.20 -20.66
N ALA A 22 4.67 -6.68 -19.67
CA ALA A 22 5.20 -7.66 -18.73
C ALA A 22 5.50 -8.98 -19.41
N LYS A 23 4.68 -9.37 -20.40
CA LYS A 23 4.96 -10.58 -21.16
C LYS A 23 6.25 -10.44 -21.96
N ALA A 24 6.56 -9.24 -22.45
CA ALA A 24 7.79 -8.97 -23.16
C ALA A 24 8.97 -8.68 -22.22
N ASN A 25 8.83 -9.00 -20.94
CA ASN A 25 9.88 -8.81 -19.94
C ASN A 25 10.30 -7.34 -19.83
N ILE A 26 9.30 -6.47 -19.76
CA ILE A 26 9.49 -5.03 -19.62
C ILE A 26 8.78 -4.59 -18.35
N ALA A 27 9.55 -4.19 -17.33
CA ALA A 27 8.97 -3.70 -16.10
C ALA A 27 8.21 -2.38 -16.35
N VAL A 28 7.12 -2.19 -15.61
CA VAL A 28 6.23 -1.06 -15.87
C VAL A 28 5.61 -0.61 -14.55
N LYS A 29 5.55 0.71 -14.37
CA LYS A 29 4.76 1.33 -13.32
C LYS A 29 3.38 1.66 -13.88
N LEU A 30 2.33 1.29 -13.15
CA LEU A 30 0.95 1.54 -13.56
C LEU A 30 0.28 2.42 -12.53
N LEU A 31 -0.22 3.58 -12.96
CA LEU A 31 -0.89 4.54 -12.09
C LEU A 31 -2.39 4.56 -12.39
N GLU A 32 -3.18 4.85 -11.37
CA GLU A 32 -4.62 4.91 -11.51
C GLU A 32 -5.20 5.79 -10.41
N ALA A 33 -6.24 6.54 -10.74
CA ALA A 33 -6.83 7.50 -9.81
C ALA A 33 -7.70 6.79 -8.76
N VAL A 34 -8.42 5.76 -9.15
CA VAL A 34 -9.34 5.08 -8.24
C VAL A 34 -8.58 4.01 -7.47
N LYS A 35 -9.03 3.76 -6.24
CA LYS A 35 -8.49 2.67 -5.43
C LYS A 35 -9.13 1.36 -5.85
N TYR A 36 -8.32 0.34 -6.05
CA TYR A 36 -8.87 -0.93 -6.50
C TYR A 36 -9.39 -1.75 -5.30
N PRO A 37 -10.48 -2.49 -5.50
CA PRO A 37 -10.97 -3.39 -4.45
C PRO A 37 -10.21 -4.71 -4.46
N ASN A 38 -9.42 -4.94 -3.41
CA ASN A 38 -8.80 -6.24 -3.23
C ASN A 38 -9.89 -7.27 -2.92
N TYR A 39 -10.01 -8.27 -3.79
CA TYR A 39 -11.14 -9.19 -3.71
C TYR A 39 -10.99 -10.15 -2.52
N ASP A 40 -9.83 -10.80 -2.41
CA ASP A 40 -9.46 -11.59 -1.24
C ASP A 40 -10.57 -12.52 -0.75
N ASP A 41 -10.87 -12.45 0.54
CA ASP A 41 -11.83 -13.35 1.18
C ASP A 41 -13.14 -12.69 1.55
N GLN A 42 -13.33 -11.42 1.19
CA GLN A 42 -14.56 -10.71 1.52
C GLN A 42 -15.73 -11.33 0.76
N ASN A 43 -16.54 -12.11 1.48
CA ASN A 43 -17.73 -12.72 0.90
C ASN A 43 -18.82 -11.70 0.57
N VAL A 44 -18.68 -10.46 1.04
CA VAL A 44 -19.71 -9.46 0.83
C VAL A 44 -19.82 -9.10 -0.65
N ALA A 45 -18.69 -9.06 -1.36
CA ALA A 45 -18.64 -8.56 -2.73
C ALA A 45 -18.07 -9.62 -3.68
N PRO A 46 -18.89 -10.59 -4.12
CA PRO A 46 -18.48 -11.42 -5.26
C PRO A 46 -18.81 -10.72 -6.57
N TYR A 47 -18.80 -11.47 -7.69
CA TYR A 47 -19.06 -10.88 -9.00
C TYR A 47 -20.53 -11.08 -9.38
N HIS A 48 -21.15 -10.01 -9.88
CA HIS A 48 -22.50 -10.04 -10.39
C HIS A 48 -22.53 -9.37 -11.76
N SER A 49 -23.42 -9.87 -12.63
CA SER A 49 -23.65 -9.27 -13.94
C SER A 49 -24.80 -8.29 -13.79
N SER A 50 -24.47 -7.03 -13.54
CA SER A 50 -25.48 -6.02 -13.32
C SER A 50 -26.17 -5.63 -14.62
N PHE A 51 -27.47 -5.37 -14.54
CA PHE A 51 -28.24 -4.92 -15.70
C PHE A 51 -27.85 -3.52 -16.14
N ASP A 52 -27.07 -2.79 -15.33
CA ASP A 52 -26.62 -1.45 -15.67
C ASP A 52 -25.12 -1.42 -16.01
N ALA A 53 -24.52 -2.58 -16.25
CA ALA A 53 -23.09 -2.66 -16.57
C ALA A 53 -22.88 -2.60 -18.08
N ARG A 54 -21.74 -2.05 -18.47
CA ARG A 54 -21.42 -1.89 -19.87
C ARG A 54 -20.79 -3.16 -20.43
N ASN A 55 -20.78 -3.25 -21.76
CA ASN A 55 -20.24 -4.40 -22.47
C ASN A 55 -19.34 -3.92 -23.61
N THR A 56 -18.57 -4.84 -24.15
CA THR A 56 -17.62 -4.54 -25.22
C THR A 56 -17.55 -5.70 -26.19
N ALA A 57 -17.70 -5.40 -27.48
CA ALA A 57 -17.59 -6.41 -28.53
C ALA A 57 -16.13 -6.57 -28.92
N LEU A 58 -15.57 -7.74 -28.66
CA LEU A 58 -14.17 -8.02 -28.96
C LEU A 58 -14.04 -8.67 -30.33
N SER A 59 -13.06 -8.22 -31.10
CA SER A 59 -12.78 -8.83 -32.40
C SER A 59 -12.01 -10.12 -32.21
N ARG A 60 -11.79 -10.83 -33.34
CA ARG A 60 -11.04 -12.07 -33.29
C ARG A 60 -9.60 -11.83 -32.88
N ARG A 61 -8.96 -10.79 -33.44
CA ARG A 61 -7.58 -10.49 -33.07
C ARG A 61 -7.47 -10.04 -31.62
N SER A 62 -8.48 -9.34 -31.11
CA SER A 62 -8.49 -8.97 -29.70
C SER A 62 -8.53 -10.21 -28.81
N VAL A 63 -9.33 -11.21 -29.20
CA VAL A 63 -9.35 -12.46 -28.46
C VAL A 63 -8.02 -13.20 -28.64
N GLN A 64 -7.43 -13.11 -29.83
CA GLN A 64 -6.13 -13.72 -30.05
C GLN A 64 -5.05 -13.07 -29.20
N ILE A 65 -5.18 -11.77 -28.93
CA ILE A 65 -4.20 -11.08 -28.09
C ILE A 65 -4.31 -11.57 -26.65
N TYR A 66 -5.54 -11.65 -26.13
CA TYR A 66 -5.74 -12.18 -24.78
C TYR A 66 -5.42 -13.67 -24.69
N GLN A 67 -5.50 -14.40 -25.81
CA GLN A 67 -5.08 -15.79 -25.80
C GLN A 67 -3.56 -15.90 -25.69
N LYS A 68 -2.83 -15.02 -26.36
CA LYS A 68 -1.38 -15.00 -26.24
C LYS A 68 -0.95 -14.60 -24.83
N LEU A 69 -1.78 -13.83 -24.13
CA LEU A 69 -1.51 -13.46 -22.74
C LEU A 69 -1.99 -14.51 -21.75
N GLY A 70 -2.56 -15.62 -22.23
CA GLY A 70 -3.06 -16.66 -21.35
C GLY A 70 -4.23 -16.23 -20.50
N LEU A 71 -5.03 -15.27 -20.96
CA LEU A 71 -6.12 -14.72 -20.18
C LEU A 71 -7.51 -15.07 -20.70
N TRP A 72 -7.62 -15.55 -21.95
CA TRP A 72 -8.94 -15.73 -22.53
C TRP A 72 -9.71 -16.87 -21.87
N ASP A 73 -9.00 -17.86 -21.31
CA ASP A 73 -9.69 -18.95 -20.64
C ASP A 73 -10.53 -18.45 -19.47
N ALA A 74 -10.03 -17.44 -18.74
CA ALA A 74 -10.81 -16.85 -17.66
C ALA A 74 -11.78 -15.81 -18.19
N LEU A 75 -11.40 -15.06 -19.22
CA LEU A 75 -12.28 -14.04 -19.78
C LEU A 75 -13.52 -14.63 -20.42
N GLN A 76 -13.41 -15.85 -20.98
CA GLN A 76 -14.55 -16.49 -21.60
C GLN A 76 -15.68 -16.78 -20.62
N GLN A 77 -15.37 -16.83 -19.32
CA GLN A 77 -16.39 -17.15 -18.32
C GLN A 77 -17.55 -16.16 -18.35
N HIS A 78 -17.31 -14.95 -18.83
CA HIS A 78 -18.37 -13.95 -18.97
C HIS A 78 -18.24 -13.25 -20.32
N ALA A 79 -18.03 -14.03 -21.36
CA ALA A 79 -17.98 -13.52 -22.74
C ALA A 79 -18.67 -14.53 -23.63
N THR A 80 -19.57 -14.05 -24.50
CA THR A 80 -20.31 -14.93 -25.36
C THR A 80 -19.98 -14.66 -26.83
N PRO A 81 -19.98 -15.70 -27.67
CA PRO A 81 -19.76 -15.47 -29.10
C PRO A 81 -21.06 -15.20 -29.83
N ILE A 82 -20.93 -14.45 -30.93
CA ILE A 82 -22.02 -14.22 -31.86
C ILE A 82 -21.87 -15.21 -33.00
N LEU A 83 -22.86 -16.08 -33.17
CA LEU A 83 -22.79 -17.12 -34.19
C LEU A 83 -23.61 -16.80 -35.43
N GLN A 84 -24.66 -15.99 -35.31
CA GLN A 84 -25.50 -15.64 -36.44
C GLN A 84 -25.90 -14.18 -36.34
N VAL A 85 -26.22 -13.59 -37.50
CA VAL A 85 -26.73 -12.23 -37.58
C VAL A 85 -27.99 -12.25 -38.44
N HIS A 86 -29.10 -11.83 -37.86
CA HIS A 86 -30.39 -11.81 -38.55
C HIS A 86 -30.83 -10.36 -38.73
N ILE A 87 -30.95 -9.93 -39.98
CA ILE A 87 -31.42 -8.59 -40.31
C ILE A 87 -32.74 -8.72 -41.06
N THR A 88 -33.79 -8.17 -40.48
CA THR A 88 -35.13 -8.15 -41.08
C THR A 88 -35.47 -6.75 -41.56
N GLU A 89 -36.47 -6.68 -42.43
CA GLU A 89 -36.92 -5.41 -42.96
C GLU A 89 -38.27 -5.61 -43.65
N GLN A 90 -39.19 -4.68 -43.41
CA GLN A 90 -40.50 -4.67 -44.06
C GLN A 90 -40.64 -3.36 -44.83
N GLY A 91 -41.25 -3.45 -46.01
CA GLY A 91 -41.41 -2.29 -46.86
C GLY A 91 -42.62 -2.43 -47.76
N SER A 92 -42.84 -1.40 -48.58
CA SER A 92 -43.95 -1.41 -49.51
C SER A 92 -43.78 -2.49 -50.58
N PHE A 93 -42.55 -2.78 -50.98
CA PHE A 93 -42.32 -3.78 -52.00
C PHE A 93 -42.49 -5.20 -51.45
N GLY A 94 -42.22 -5.39 -50.16
CA GLY A 94 -42.39 -6.70 -49.56
C GLY A 94 -41.72 -6.88 -48.22
N LYS A 95 -41.11 -8.05 -48.02
CA LYS A 95 -40.44 -8.40 -46.77
C LYS A 95 -39.16 -9.15 -47.09
N ALA A 96 -38.08 -8.83 -46.38
CA ALA A 96 -36.79 -9.44 -46.63
C ALA A 96 -36.10 -9.78 -45.31
N ARG A 97 -35.33 -10.86 -45.33
CA ARG A 97 -34.56 -11.30 -44.18
C ARG A 97 -33.19 -11.78 -44.63
N LEU A 98 -32.15 -11.39 -43.89
CA LEU A 98 -30.78 -11.78 -44.17
C LEU A 98 -30.22 -12.51 -42.96
N VAL A 99 -29.80 -13.75 -43.16
CA VAL A 99 -29.23 -14.58 -42.11
C VAL A 99 -27.79 -14.91 -42.49
N ALA A 100 -26.84 -14.44 -41.71
CA ALA A 100 -25.42 -14.69 -41.93
C ALA A 100 -24.87 -15.54 -40.81
N GLU A 101 -24.24 -16.65 -41.15
CA GLU A 101 -23.68 -17.57 -40.18
C GLU A 101 -22.17 -17.37 -40.06
N GLN A 102 -21.55 -18.15 -39.18
CA GLN A 102 -20.13 -18.03 -38.90
C GLN A 102 -19.38 -19.22 -39.49
N GLU A 103 -18.26 -18.94 -40.16
CA GLU A 103 -17.42 -19.97 -40.77
C GLU A 103 -16.27 -20.36 -39.84
N LYS A 104 -15.41 -19.41 -39.51
CA LYS A 104 -14.29 -19.62 -38.61
C LYS A 104 -14.66 -19.11 -37.22
N VAL A 105 -14.13 -19.78 -36.20
CA VAL A 105 -14.42 -19.38 -34.83
C VAL A 105 -13.90 -17.97 -34.57
N GLU A 106 -14.62 -17.24 -33.72
CA GLU A 106 -14.32 -15.88 -33.27
C GLU A 106 -14.40 -14.84 -34.38
N SER A 107 -14.80 -15.21 -35.60
CA SER A 107 -14.81 -14.23 -36.69
C SER A 107 -15.87 -13.15 -36.47
N PHE A 108 -17.03 -13.53 -35.95
CA PHE A 108 -18.06 -12.55 -35.64
C PHE A 108 -17.81 -11.84 -34.32
N GLY A 109 -16.85 -12.30 -33.53
CA GLY A 109 -16.44 -11.62 -32.31
C GLY A 109 -17.09 -12.21 -31.07
N GLN A 110 -16.68 -11.64 -29.93
CA GLN A 110 -17.20 -12.03 -28.62
C GLN A 110 -17.60 -10.78 -27.86
N VAL A 111 -18.77 -10.83 -27.23
CA VAL A 111 -19.27 -9.76 -26.38
C VAL A 111 -18.94 -10.11 -24.94
N ILE A 112 -18.08 -9.29 -24.32
CA ILE A 112 -17.63 -9.53 -22.95
C ILE A 112 -18.19 -8.44 -22.05
N GLU A 113 -18.44 -8.80 -20.79
CA GLU A 113 -18.85 -7.83 -19.79
C GLU A 113 -17.63 -7.03 -19.35
N ASN A 114 -17.79 -5.70 -19.30
CA ASN A 114 -16.67 -4.84 -18.95
C ASN A 114 -16.20 -5.08 -17.52
N ALA A 115 -17.14 -5.37 -16.61
CA ALA A 115 -16.77 -5.60 -15.22
C ALA A 115 -15.92 -6.86 -15.06
N TRP A 116 -16.22 -7.90 -15.84
CA TRP A 116 -15.42 -9.11 -15.77
C TRP A 116 -14.06 -8.93 -16.43
N LEU A 117 -14.00 -8.19 -17.53
CA LEU A 117 -12.72 -7.93 -18.19
C LEU A 117 -11.80 -7.15 -17.27
N GLY A 118 -12.33 -6.13 -16.58
CA GLY A 118 -11.51 -5.37 -15.65
C GLY A 118 -11.10 -6.18 -14.42
N ARG A 119 -11.92 -7.16 -14.04
CA ARG A 119 -11.59 -7.98 -12.88
C ARG A 119 -10.43 -8.92 -13.18
N VAL A 120 -10.51 -9.63 -14.31
CA VAL A 120 -9.46 -10.58 -14.67
C VAL A 120 -8.14 -9.85 -14.95
N LEU A 121 -8.22 -8.71 -15.64
CA LEU A 121 -7.00 -7.95 -15.92
C LEU A 121 -6.35 -7.45 -14.64
N LEU A 122 -7.14 -6.90 -13.73
CA LEU A 122 -6.59 -6.39 -12.47
C LEU A 122 -6.03 -7.53 -11.64
N THR A 123 -6.69 -8.68 -11.62
CA THR A 123 -6.19 -9.82 -10.87
C THR A 123 -4.87 -10.32 -11.45
N GLN A 124 -4.76 -10.36 -12.78
CA GLN A 124 -3.52 -10.82 -13.40
C GLN A 124 -2.40 -9.81 -13.24
N VAL A 125 -2.72 -8.51 -13.24
CA VAL A 125 -1.70 -7.50 -13.03
C VAL A 125 -1.10 -7.63 -11.63
N ARG A 126 -1.94 -7.91 -10.63
CA ARG A 126 -1.47 -8.00 -9.26
C ARG A 126 -0.56 -9.20 -9.02
N GLN A 127 -0.67 -10.24 -9.84
CA GLN A 127 0.22 -11.40 -9.74
C GLN A 127 1.44 -11.29 -10.64
N GLN A 128 1.60 -10.16 -11.35
CA GLN A 128 2.73 -9.97 -12.24
C GLN A 128 3.80 -9.16 -11.51
N PRO A 129 4.95 -9.74 -11.18
CA PRO A 129 5.98 -8.97 -10.47
C PRO A 129 6.57 -7.84 -11.29
N LEU A 130 6.54 -7.94 -12.61
CA LEU A 130 7.08 -6.91 -13.49
C LEU A 130 6.14 -5.72 -13.65
N ILE A 131 5.08 -5.63 -12.86
CA ILE A 131 4.14 -4.52 -12.92
C ILE A 131 3.97 -3.99 -11.50
N GLU A 132 4.31 -2.71 -11.30
CA GLU A 132 4.14 -2.04 -10.02
C GLU A 132 2.84 -1.25 -10.07
N LEU A 133 1.82 -1.74 -9.37
CA LEU A 133 0.50 -1.12 -9.37
C LEU A 133 0.43 -0.05 -8.29
N ILE A 134 0.23 1.19 -8.70
CA ILE A 134 0.08 2.32 -7.78
C ILE A 134 -1.30 2.91 -8.05
N ASP A 135 -2.24 2.63 -7.15
CA ASP A 135 -3.60 3.13 -7.28
C ASP A 135 -3.82 4.33 -6.35
N GLY A 136 -4.95 5.00 -6.54
CA GLY A 136 -5.27 6.17 -5.74
C GLY A 136 -4.36 7.35 -5.98
N VAL A 137 -3.78 7.46 -7.17
CA VAL A 137 -2.87 8.54 -7.51
C VAL A 137 -3.42 9.28 -8.71
N GLN A 138 -3.38 10.62 -8.66
CA GLN A 138 -3.83 11.47 -9.74
C GLN A 138 -2.65 12.33 -10.20
N VAL A 139 -2.27 12.18 -11.47
CA VAL A 139 -1.15 12.93 -12.01
C VAL A 139 -1.54 14.40 -12.10
N THR A 140 -0.75 15.26 -11.44
CA THR A 140 -1.01 16.70 -11.42
C THR A 140 0.03 17.52 -12.14
N ALA A 141 1.11 16.90 -12.62
CA ALA A 141 2.16 17.61 -13.34
C ALA A 141 2.88 16.65 -14.26
N LEU A 142 3.33 17.17 -15.40
CA LEU A 142 4.07 16.37 -16.37
C LEU A 142 5.04 17.28 -17.11
N THR A 143 6.33 17.02 -16.98
CA THR A 143 7.37 17.73 -17.70
C THR A 143 8.23 16.72 -18.44
N GLN A 144 9.19 17.23 -19.22
CA GLN A 144 9.99 16.38 -20.08
C GLN A 144 11.28 17.09 -20.44
N ASP A 145 12.35 16.32 -20.60
CA ASP A 145 13.60 16.81 -21.15
C ASP A 145 14.05 15.84 -22.23
N ALA A 146 15.32 15.94 -22.62
CA ALA A 146 15.83 15.10 -23.70
C ALA A 146 15.98 13.64 -23.28
N GLU A 147 16.00 13.35 -21.98
CA GLU A 147 16.31 12.01 -21.51
C GLU A 147 15.19 11.32 -20.75
N GLN A 148 14.35 12.06 -20.03
CA GLN A 148 13.36 11.43 -19.15
C GLN A 148 12.06 12.24 -19.14
N VAL A 149 11.01 11.60 -18.63
CA VAL A 149 9.73 12.25 -18.35
C VAL A 149 9.57 12.33 -16.84
N TYR A 150 9.12 13.48 -16.35
CA TYR A 150 8.91 13.70 -14.93
C TYR A 150 7.44 13.96 -14.68
N ILE A 151 6.86 13.23 -13.72
CA ILE A 151 5.46 13.39 -13.36
C ILE A 151 5.35 13.57 -11.86
N GLU A 152 4.30 14.27 -11.43
CA GLU A 152 3.99 14.46 -10.02
C GLU A 152 2.55 14.01 -9.78
N ALA A 153 2.39 13.00 -8.92
CA ALA A 153 1.09 12.47 -8.58
C ALA A 153 0.74 12.83 -7.14
N GLN A 154 -0.55 13.00 -6.88
CA GLN A 154 -1.04 13.41 -5.57
C GLN A 154 -1.95 12.33 -4.98
N ARG A 155 -1.76 12.05 -3.70
CA ARG A 155 -2.64 11.18 -2.92
C ARG A 155 -3.39 11.96 -1.86
N GLY A 156 -3.59 13.26 -2.08
CA GLY A 156 -4.16 14.12 -1.07
C GLY A 156 -3.07 14.84 -0.30
N ASP A 157 -2.35 14.10 0.54
CA ASP A 157 -1.21 14.63 1.27
C ASP A 157 0.12 14.20 0.69
N GLU A 158 0.21 12.99 0.16
CA GLU A 158 1.46 12.48 -0.40
C GLU A 158 1.65 13.02 -1.81
N ILE A 159 2.85 13.54 -2.08
CA ILE A 159 3.24 14.00 -3.41
C ILE A 159 4.26 13.00 -3.96
N LEU A 160 3.92 12.35 -5.07
CA LEU A 160 4.78 11.34 -5.67
C LEU A 160 5.48 11.90 -6.90
N LYS A 161 6.80 11.76 -6.94
CA LYS A 161 7.61 12.19 -8.08
C LYS A 161 8.24 10.96 -8.72
N LEU A 162 7.98 10.76 -10.02
CA LEU A 162 8.43 9.58 -10.72
C LEU A 162 9.10 9.97 -12.04
N GLU A 163 10.08 9.16 -12.45
CA GLU A 163 10.76 9.32 -13.72
C GLU A 163 10.60 8.06 -14.56
N SER A 164 10.84 8.20 -15.86
CA SER A 164 10.81 7.07 -16.79
C SER A 164 11.37 7.53 -18.12
N LYS A 165 11.85 6.57 -18.91
CA LYS A 165 12.28 6.84 -20.27
C LYS A 165 11.10 6.94 -21.24
N LEU A 166 9.95 6.40 -20.87
CA LEU A 166 8.78 6.40 -21.73
C LEU A 166 7.53 6.48 -20.86
N LEU A 167 6.56 7.29 -21.30
CA LEU A 167 5.28 7.43 -20.61
C LEU A 167 4.17 7.09 -21.59
N ILE A 168 3.32 6.14 -21.20
CA ILE A 168 2.17 5.74 -22.00
C ILE A 168 0.93 6.32 -21.34
N ALA A 169 0.34 7.33 -21.99
CA ALA A 169 -0.83 8.03 -21.45
C ALA A 169 -2.08 7.31 -21.92
N ALA A 170 -2.75 6.63 -21.00
CA ALA A 170 -4.02 5.95 -21.26
C ALA A 170 -5.07 6.39 -20.25
N ASP A 171 -5.20 7.71 -20.08
CA ASP A 171 -6.04 8.29 -19.04
C ASP A 171 -7.34 8.87 -19.60
N GLY A 172 -7.92 8.19 -20.59
CA GLY A 172 -9.27 8.50 -21.01
C GLY A 172 -9.39 9.67 -21.97
N ARG A 173 -10.65 10.00 -22.27
CA ARG A 173 -10.96 11.03 -23.25
C ARG A 173 -10.47 12.40 -22.80
N ASP A 174 -10.70 12.75 -21.53
CA ASP A 174 -10.17 13.99 -20.97
C ASP A 174 -8.78 13.78 -20.38
N SER A 175 -7.88 13.28 -21.22
CA SER A 175 -6.55 12.88 -20.76
C SER A 175 -5.78 14.08 -20.22
N PHE A 176 -5.31 13.96 -18.98
CA PHE A 176 -4.50 15.03 -18.38
C PHE A 176 -3.14 15.14 -19.07
N CYS A 177 -2.55 14.00 -19.42
CA CYS A 177 -1.23 14.02 -20.04
C CYS A 177 -1.28 14.65 -21.43
N ARG A 178 -2.38 14.45 -22.15
CA ARG A 178 -2.54 15.06 -23.47
C ARG A 178 -2.58 16.58 -23.36
N GLN A 179 -3.25 17.10 -22.33
CA GLN A 179 -3.26 18.54 -22.11
C GLN A 179 -1.95 19.03 -21.52
N ALA A 180 -1.23 18.17 -20.80
CA ALA A 180 0.05 18.58 -20.22
C ALA A 180 1.10 18.77 -21.29
N ILE A 181 1.13 17.91 -22.32
CA ILE A 181 2.07 18.07 -23.42
C ILE A 181 1.61 19.07 -24.46
N GLY A 182 0.48 19.75 -24.23
CA GLY A 182 0.02 20.80 -25.11
C GLY A 182 -0.54 20.32 -26.43
N VAL A 183 -1.37 19.29 -26.41
CA VAL A 183 -1.97 18.72 -27.62
C VAL A 183 -3.47 18.93 -27.56
N GLY A 184 -4.01 19.63 -28.55
CA GLY A 184 -5.44 19.80 -28.67
C GLY A 184 -6.10 18.62 -29.34
N VAL A 185 -7.42 18.72 -29.50
CA VAL A 185 -8.22 17.65 -30.09
C VAL A 185 -9.07 18.22 -31.23
N ASP A 186 -9.44 17.32 -32.15
CA ASP A 186 -10.36 17.62 -33.23
C ASP A 186 -11.62 16.80 -33.03
N VAL A 187 -12.77 17.47 -32.99
CA VAL A 187 -14.05 16.83 -32.67
C VAL A 187 -14.91 16.85 -33.92
N HIS A 188 -15.36 15.66 -34.35
CA HIS A 188 -16.35 15.52 -35.40
C HIS A 188 -17.64 15.03 -34.75
N ASP A 189 -18.69 15.83 -34.86
CA ASP A 189 -19.96 15.55 -34.20
C ASP A 189 -21.02 15.17 -35.22
N TYR A 190 -21.85 14.20 -34.85
CA TYR A 190 -23.09 13.89 -35.55
C TYR A 190 -24.26 14.32 -34.68
N ASP A 191 -25.41 14.57 -35.31
CA ASP A 191 -26.57 15.04 -34.58
C ASP A 191 -27.36 13.87 -34.01
N GLN A 192 -26.69 12.77 -33.72
CA GLN A 192 -27.32 11.57 -33.19
C GLN A 192 -26.61 11.13 -31.91
N VAL A 193 -27.36 10.45 -31.05
CA VAL A 193 -26.81 9.78 -29.87
C VAL A 193 -27.28 8.34 -29.90
N ALA A 194 -26.50 7.46 -29.27
CA ALA A 194 -26.79 6.04 -29.21
C ALA A 194 -27.30 5.69 -27.83
N ILE A 195 -28.48 5.09 -27.75
CA ILE A 195 -29.06 4.62 -26.51
C ILE A 195 -28.75 3.13 -26.37
N VAL A 196 -27.96 2.79 -25.35
CA VAL A 196 -27.62 1.40 -25.08
C VAL A 196 -28.11 1.03 -23.69
N THR A 197 -28.39 -0.26 -23.51
CA THR A 197 -28.85 -0.81 -22.24
C THR A 197 -28.76 -2.32 -22.33
N THR A 198 -29.11 -2.99 -21.22
CA THR A 198 -29.15 -4.43 -21.15
C THR A 198 -30.57 -4.87 -20.80
N VAL A 199 -31.12 -5.78 -21.60
CA VAL A 199 -32.48 -6.25 -21.41
C VAL A 199 -32.47 -7.76 -21.18
N GLN A 200 -33.59 -8.26 -20.68
CA GLN A 200 -33.81 -9.68 -20.46
C GLN A 200 -35.05 -10.10 -21.24
N THR A 201 -34.94 -11.20 -21.98
CA THR A 201 -36.02 -11.69 -22.83
C THR A 201 -36.41 -13.10 -22.43
N SER A 202 -37.68 -13.43 -22.62
CA SER A 202 -38.17 -14.76 -22.27
C SER A 202 -37.59 -15.82 -23.19
N LYS A 203 -37.25 -15.46 -24.43
CA LYS A 203 -36.63 -16.37 -25.38
C LYS A 203 -35.11 -16.27 -25.27
N PRO A 204 -34.40 -17.39 -25.35
CA PRO A 204 -32.93 -17.34 -25.35
C PRO A 204 -32.41 -16.91 -26.72
N HIS A 205 -31.40 -16.04 -26.71
CA HIS A 205 -30.88 -15.51 -27.98
C HIS A 205 -30.11 -16.57 -28.77
N GLU A 206 -29.53 -17.55 -28.08
CA GLU A 206 -28.79 -18.63 -28.72
C GLU A 206 -27.69 -18.10 -29.65
N HIS A 207 -26.96 -17.09 -29.16
CA HIS A 207 -25.82 -16.50 -29.86
C HIS A 207 -26.22 -15.90 -31.21
N VAL A 208 -27.44 -15.39 -31.32
CA VAL A 208 -27.95 -14.78 -32.53
C VAL A 208 -28.15 -13.29 -32.29
N GLY A 209 -27.58 -12.46 -33.15
CA GLY A 209 -27.74 -11.02 -33.08
C GLY A 209 -28.76 -10.55 -34.12
N PHE A 210 -29.62 -9.63 -33.71
CA PHE A 210 -30.70 -9.15 -34.55
C PHE A 210 -30.55 -7.64 -34.80
N GLU A 211 -31.11 -7.19 -35.91
CA GLU A 211 -31.23 -5.77 -36.20
C GLU A 211 -32.42 -5.56 -37.12
N ARG A 212 -33.33 -4.69 -36.71
CA ARG A 212 -34.53 -4.37 -37.48
C ARG A 212 -34.52 -2.89 -37.84
N PHE A 213 -34.87 -2.60 -39.08
CA PHE A 213 -34.96 -1.23 -39.59
C PHE A 213 -36.40 -0.77 -39.57
N SER A 214 -36.63 0.44 -39.06
CA SER A 214 -37.98 0.98 -38.92
C SER A 214 -37.89 2.49 -38.86
N ALA A 215 -38.99 3.13 -38.46
CA ALA A 215 -39.01 4.58 -38.32
C ALA A 215 -38.25 5.05 -37.10
N LEU A 216 -38.12 4.21 -36.07
CA LEU A 216 -37.33 4.56 -34.90
C LEU A 216 -35.83 4.60 -35.19
N GLY A 217 -35.41 4.05 -36.34
CA GLY A 217 -34.01 3.85 -36.61
C GLY A 217 -33.64 2.39 -36.45
N PRO A 218 -32.40 2.03 -36.80
CA PRO A 218 -31.97 0.63 -36.67
C PRO A 218 -31.93 0.21 -35.21
N LEU A 219 -32.72 -0.80 -34.88
CA LEU A 219 -32.79 -1.34 -33.53
C LEU A 219 -32.00 -2.65 -33.47
N ALA A 220 -30.94 -2.66 -32.68
CA ALA A 220 -30.04 -3.81 -32.60
C ALA A 220 -30.30 -4.62 -31.34
N LEU A 221 -30.27 -5.94 -31.49
CA LEU A 221 -30.44 -6.88 -30.38
C LEU A 221 -29.28 -7.87 -30.44
N LEU A 222 -28.28 -7.67 -29.58
CA LEU A 222 -27.09 -8.50 -29.60
C LEU A 222 -27.02 -9.41 -28.38
N PRO A 223 -26.47 -10.61 -28.53
CA PRO A 223 -26.41 -11.54 -27.40
C PRO A 223 -25.44 -11.07 -26.33
N LEU A 224 -25.62 -11.62 -25.13
CA LEU A 224 -24.81 -11.33 -23.97
C LEU A 224 -24.48 -12.64 -23.27
N PRO A 225 -23.46 -12.64 -22.39
CA PRO A 225 -23.08 -13.89 -21.72
C PRO A 225 -24.24 -14.65 -21.08
N GLY A 226 -25.18 -13.94 -20.46
CA GLY A 226 -26.40 -14.60 -20.01
C GLY A 226 -27.24 -15.01 -21.21
N GLU A 227 -27.67 -16.28 -21.22
CA GLU A 227 -28.38 -16.81 -22.37
C GLU A 227 -29.69 -16.07 -22.64
N TYR A 228 -30.26 -15.42 -21.63
CA TYR A 228 -31.47 -14.63 -21.80
C TYR A 228 -31.21 -13.13 -21.67
N ARG A 229 -29.96 -12.72 -21.72
CA ARG A 229 -29.58 -11.31 -21.64
C ARG A 229 -29.18 -10.82 -23.03
N ARG A 230 -29.66 -9.64 -23.39
CA ARG A 230 -29.37 -9.04 -24.69
C ARG A 230 -29.03 -7.57 -24.51
N SER A 231 -28.10 -7.09 -25.33
CA SER A 231 -27.71 -5.69 -25.34
C SER A 231 -28.42 -4.98 -26.48
N VAL A 232 -28.97 -3.80 -26.19
CA VAL A 232 -29.71 -3.01 -27.17
C VAL A 232 -28.85 -1.86 -27.63
N VAL A 233 -28.75 -1.67 -28.95
CA VAL A 233 -28.07 -0.52 -29.54
C VAL A 233 -29.08 0.21 -30.41
N TRP A 234 -29.36 1.46 -30.08
CA TRP A 234 -30.44 2.22 -30.70
C TRP A 234 -30.00 3.66 -30.93
N PRO A 235 -29.61 4.01 -32.15
CA PRO A 235 -29.29 5.41 -32.45
C PRO A 235 -30.56 6.22 -32.70
N VAL A 236 -30.67 7.36 -32.02
CA VAL A 236 -31.81 8.27 -32.18
C VAL A 236 -31.27 9.67 -32.45
N LYS A 237 -32.19 10.58 -32.75
CA LYS A 237 -31.86 11.97 -32.98
C LYS A 237 -31.78 12.72 -31.66
N LYS A 238 -30.81 13.63 -31.56
CA LYS A 238 -30.61 14.40 -30.34
C LYS A 238 -31.87 15.17 -29.98
N GLY A 239 -32.35 14.99 -28.75
CA GLY A 239 -33.52 15.65 -28.25
C GLY A 239 -34.69 14.73 -27.96
N THR A 240 -34.70 13.53 -28.53
CA THR A 240 -35.77 12.56 -28.31
C THR A 240 -35.35 11.41 -27.42
N GLU A 241 -34.15 11.45 -26.85
CA GLU A 241 -33.73 10.40 -25.92
C GLU A 241 -34.39 10.54 -24.56
N GLY A 242 -35.06 11.68 -24.29
CA GLY A 242 -35.70 11.86 -23.01
C GLY A 242 -36.92 10.99 -22.80
N GLU A 243 -37.63 10.66 -23.89
CA GLU A 243 -38.80 9.81 -23.78
C GLU A 243 -38.44 8.35 -23.54
N TRP A 244 -37.16 7.99 -23.57
CA TRP A 244 -36.72 6.63 -23.29
C TRP A 244 -35.90 6.50 -22.02
N LEU A 245 -35.33 7.59 -21.52
CA LEU A 245 -34.48 7.56 -20.34
C LEU A 245 -35.31 7.76 -19.08
N GLY A 246 -34.82 7.22 -17.98
CA GLY A 246 -35.46 7.38 -16.70
C GLY A 246 -36.23 6.14 -16.28
N GLU A 247 -36.37 5.96 -14.96
CA GLU A 247 -37.11 4.81 -14.44
C GLU A 247 -38.59 4.89 -14.81
N GLU A 248 -39.15 6.10 -14.86
CA GLU A 248 -40.54 6.25 -15.25
C GLU A 248 -40.80 5.85 -16.69
N ASN A 249 -39.77 5.75 -17.52
CA ASN A 249 -39.89 5.35 -18.91
C ASN A 249 -39.40 3.92 -19.14
N ASP A 250 -39.31 3.12 -18.08
CA ASP A 250 -38.89 1.72 -18.24
C ASP A 250 -39.89 0.95 -19.10
N GLN A 251 -41.18 1.11 -18.82
CA GLN A 251 -42.20 0.41 -19.60
C GLN A 251 -42.32 1.00 -21.00
N HIS A 252 -42.15 2.32 -21.14
CA HIS A 252 -42.18 2.92 -22.47
C HIS A 252 -41.06 2.39 -23.34
N PHE A 253 -39.90 2.11 -22.74
CA PHE A 253 -38.78 1.57 -23.51
C PHE A 253 -39.03 0.12 -23.91
N LEU A 254 -39.53 -0.69 -22.96
CA LEU A 254 -39.81 -2.09 -23.26
C LEU A 254 -40.93 -2.24 -24.28
N ASP A 255 -41.89 -1.32 -24.29
CA ASP A 255 -42.97 -1.38 -25.27
C ASP A 255 -42.46 -1.15 -26.68
N ALA A 256 -41.49 -0.25 -26.83
CA ALA A 256 -40.91 0.00 -28.15
C ALA A 256 -40.13 -1.21 -28.64
N LEU A 257 -39.45 -1.92 -27.74
CA LEU A 257 -38.75 -3.14 -28.12
C LEU A 257 -39.73 -4.23 -28.54
N GLN A 258 -40.82 -4.39 -27.77
CA GLN A 258 -41.81 -5.42 -28.09
C GLN A 258 -42.52 -5.11 -29.40
N LYS A 259 -42.79 -3.83 -29.67
CA LYS A 259 -43.48 -3.47 -30.89
C LYS A 259 -42.62 -3.69 -32.13
N THR A 260 -41.31 -3.52 -32.00
CA THR A 260 -40.42 -3.65 -33.15
C THR A 260 -40.12 -5.11 -33.46
N TYR A 261 -39.79 -5.90 -32.45
CA TYR A 261 -39.38 -7.29 -32.65
C TYR A 261 -40.51 -8.28 -32.53
N GLY A 262 -41.68 -7.85 -32.05
CA GLY A 262 -42.81 -8.77 -31.95
C GLY A 262 -42.50 -9.89 -30.97
N ASP A 263 -42.54 -11.13 -31.47
CA ASP A 263 -42.27 -12.30 -30.66
C ASP A 263 -40.99 -13.02 -31.07
N ARG A 264 -40.15 -12.39 -31.90
CA ARG A 264 -38.93 -13.04 -32.34
C ARG A 264 -37.96 -13.29 -31.19
N ALA A 265 -37.94 -12.40 -30.20
CA ALA A 265 -37.11 -12.56 -29.02
C ALA A 265 -37.94 -12.83 -27.76
N GLY A 266 -39.17 -13.31 -27.93
CA GLY A 266 -40.04 -13.51 -26.79
C GLY A 266 -40.46 -12.16 -26.21
N LYS A 267 -40.86 -12.21 -24.94
CA LYS A 267 -41.28 -11.02 -24.23
C LYS A 267 -40.07 -10.32 -23.61
N PHE A 268 -40.01 -9.00 -23.77
CA PHE A 268 -38.99 -8.19 -23.12
C PHE A 268 -39.42 -7.98 -21.67
N GLU A 269 -38.81 -8.75 -20.76
CA GLU A 269 -39.27 -8.82 -19.38
C GLU A 269 -38.69 -7.72 -18.49
N LYS A 270 -37.46 -7.27 -18.77
CA LYS A 270 -36.78 -6.37 -17.85
C LYS A 270 -35.70 -5.62 -18.61
N THR A 271 -35.50 -4.36 -18.26
CA THR A 271 -34.45 -3.53 -18.84
C THR A 271 -33.65 -2.85 -17.74
N GLY A 272 -32.37 -2.64 -18.01
CA GLY A 272 -31.51 -1.88 -17.12
C GLY A 272 -31.58 -0.40 -17.42
N LYS A 273 -30.64 0.34 -16.83
CA LYS A 273 -30.57 1.77 -17.09
C LYS A 273 -30.11 2.01 -18.52
N ARG A 274 -30.74 3.00 -19.17
CA ARG A 274 -30.40 3.35 -20.53
C ARG A 274 -29.31 4.41 -20.53
N PHE A 275 -28.18 4.11 -21.16
CA PHE A 275 -27.08 5.05 -21.29
C PHE A 275 -27.10 5.67 -22.69
N SER A 276 -26.99 6.99 -22.75
CA SER A 276 -27.05 7.73 -24.01
C SER A 276 -25.74 8.49 -24.17
N TYR A 277 -24.86 7.98 -25.03
CA TYR A 277 -23.62 8.66 -25.32
C TYR A 277 -23.64 9.21 -26.74
N PRO A 278 -23.15 10.43 -26.95
CA PRO A 278 -23.22 11.03 -28.29
C PRO A 278 -22.23 10.36 -29.25
N LEU A 279 -22.71 10.11 -30.46
CA LEU A 279 -21.85 9.58 -31.52
C LEU A 279 -20.94 10.69 -32.01
N SER A 280 -19.63 10.55 -31.78
CA SER A 280 -18.68 11.57 -32.18
C SER A 280 -17.29 10.97 -32.19
N GLN A 281 -16.38 11.67 -32.86
CA GLN A 281 -14.98 11.29 -32.95
C GLN A 281 -14.14 12.42 -32.39
N VAL A 282 -13.34 12.11 -31.37
CA VAL A 282 -12.42 13.06 -30.78
C VAL A 282 -11.00 12.58 -31.08
N LEU A 283 -10.27 13.36 -31.86
CA LEU A 283 -8.94 13.00 -32.34
C LEU A 283 -7.91 13.97 -31.78
N ALA A 284 -6.89 13.44 -31.12
CA ALA A 284 -5.77 14.27 -30.70
C ALA A 284 -4.97 14.71 -31.92
N HIS A 285 -4.56 15.98 -31.92
CA HIS A 285 -3.77 16.50 -33.03
C HIS A 285 -2.49 15.71 -33.22
N LYS A 286 -1.79 15.42 -32.12
CA LYS A 286 -0.64 14.54 -32.13
C LYS A 286 -0.85 13.43 -31.12
N GLN A 287 -0.27 12.27 -31.40
CA GLN A 287 -0.36 11.11 -30.51
C GLN A 287 0.96 10.78 -29.85
N ALA A 288 2.05 11.50 -30.19
CA ALA A 288 3.35 11.28 -29.57
C ALA A 288 4.09 12.60 -29.55
N VAL A 289 4.54 13.03 -28.36
CA VAL A 289 5.33 14.24 -28.18
C VAL A 289 6.52 13.86 -27.31
N GLY A 290 7.71 13.80 -27.91
CA GLY A 290 8.88 13.36 -27.19
C GLY A 290 8.80 11.92 -26.73
N ARG A 291 8.86 11.71 -25.41
CA ARG A 291 8.77 10.39 -24.83
C ARG A 291 7.38 10.10 -24.27
N VAL A 292 6.40 10.94 -24.58
CA VAL A 292 5.01 10.72 -24.17
C VAL A 292 4.23 10.25 -25.39
N ILE A 293 3.45 9.19 -25.22
CA ILE A 293 2.65 8.62 -26.30
C ILE A 293 1.24 8.37 -25.78
N LEU A 294 0.25 8.70 -26.60
CA LEU A 294 -1.15 8.57 -26.23
C LEU A 294 -1.71 7.24 -26.72
N MET A 295 -2.48 6.58 -25.85
CA MET A 295 -3.11 5.31 -26.19
C MET A 295 -4.54 5.32 -25.67
N GLY A 296 -5.40 4.55 -26.33
CA GLY A 296 -6.79 4.48 -25.92
C GLY A 296 -7.57 5.72 -26.32
N ASN A 297 -8.55 6.07 -25.50
CA ASN A 297 -9.36 7.25 -25.75
C ASN A 297 -8.54 8.55 -25.64
N ALA A 298 -7.37 8.49 -25.01
CA ALA A 298 -6.50 9.67 -24.98
C ALA A 298 -6.03 10.04 -26.36
N ALA A 299 -5.84 9.06 -27.24
CA ALA A 299 -5.41 9.32 -28.61
C ALA A 299 -6.59 9.50 -29.55
N HIS A 300 -7.62 8.66 -29.43
CA HIS A 300 -8.77 8.74 -30.33
C HIS A 300 -9.97 8.11 -29.64
N THR A 301 -11.01 8.92 -29.40
CA THR A 301 -12.27 8.42 -28.87
C THR A 301 -13.20 8.11 -30.04
N ILE A 302 -13.53 6.84 -30.21
CA ILE A 302 -14.28 6.36 -31.37
C ILE A 302 -15.49 5.60 -30.86
N HIS A 303 -16.68 6.11 -31.14
CA HIS A 303 -17.92 5.62 -30.56
C HIS A 303 -18.79 4.80 -31.53
N PRO A 304 -19.07 5.28 -32.76
CA PRO A 304 -20.15 4.65 -33.55
C PRO A 304 -19.96 3.17 -33.82
N VAL A 305 -18.72 2.67 -33.88
CA VAL A 305 -18.50 1.28 -34.26
C VAL A 305 -18.61 0.35 -33.06
N ALA A 306 -18.73 -0.94 -33.33
CA ALA A 306 -18.77 -1.94 -32.27
C ALA A 306 -17.39 -2.09 -31.64
N GLY A 307 -17.36 -2.17 -30.31
CA GLY A 307 -16.12 -2.23 -29.56
C GLY A 307 -15.67 -0.91 -28.98
N GLN A 308 -16.27 0.20 -29.41
CA GLN A 308 -15.93 1.54 -28.91
C GLN A 308 -14.46 1.87 -29.10
N GLY A 309 -13.88 1.41 -30.20
CA GLY A 309 -12.48 1.63 -30.48
C GLY A 309 -11.51 0.76 -29.70
N PHE A 310 -12.01 -0.11 -28.82
CA PHE A 310 -11.11 -0.93 -28.01
C PHE A 310 -10.31 -1.89 -28.87
N ASN A 311 -10.94 -2.47 -29.90
CA ASN A 311 -10.22 -3.36 -30.80
C ASN A 311 -9.12 -2.62 -31.54
N LEU A 312 -9.34 -1.35 -31.87
CA LEU A 312 -8.28 -0.54 -32.46
C LEU A 312 -7.15 -0.30 -31.46
N CYS A 313 -7.49 -0.11 -30.19
CA CYS A 313 -6.47 0.11 -29.17
C CYS A 313 -5.60 -1.13 -28.97
N LEU A 314 -6.21 -2.31 -29.01
CA LEU A 314 -5.43 -3.53 -28.87
C LEU A 314 -4.54 -3.75 -30.08
N ARG A 315 -5.00 -3.35 -31.28
CA ARG A 315 -4.11 -3.36 -32.43
C ARG A 315 -3.02 -2.31 -32.29
N ASP A 316 -3.36 -1.14 -31.73
CA ASP A 316 -2.36 -0.12 -31.46
C ASP A 316 -1.34 -0.61 -30.44
N ALA A 317 -1.80 -1.32 -29.40
CA ALA A 317 -0.89 -1.84 -28.39
C ALA A 317 -0.02 -2.96 -28.94
N ASP A 318 -0.59 -3.79 -29.82
CA ASP A 318 0.18 -4.89 -30.41
C ASP A 318 1.29 -4.35 -31.30
N VAL A 319 1.00 -3.32 -32.10
CA VAL A 319 2.01 -2.73 -32.97
C VAL A 319 3.04 -1.97 -32.13
N LEU A 320 2.59 -1.32 -31.06
CA LEU A 320 3.51 -0.58 -30.21
C LEU A 320 4.53 -1.51 -29.55
N LEU A 321 4.07 -2.69 -29.12
CA LEU A 321 4.99 -3.65 -28.49
C LEU A 321 6.06 -4.10 -29.48
N ARG A 322 5.71 -4.24 -30.75
CA ARG A 322 6.69 -4.64 -31.76
C ARG A 322 7.76 -3.57 -31.95
N TYR A 323 7.36 -2.29 -31.90
CA TYR A 323 8.34 -1.22 -32.01
C TYR A 323 9.18 -1.11 -30.74
N LEU A 324 8.58 -1.35 -29.58
CA LEU A 324 9.31 -1.24 -28.32
C LEU A 324 10.29 -2.41 -28.15
N VAL A 325 9.87 -3.62 -28.52
CA VAL A 325 10.73 -4.78 -28.35
C VAL A 325 11.94 -4.69 -29.28
N ASN A 326 11.71 -4.32 -30.55
CA ASN A 326 12.83 -4.18 -31.48
C ASN A 326 13.76 -3.06 -31.06
N GLN A 327 13.21 -1.97 -30.51
CA GLN A 327 14.04 -0.88 -30.04
C GLN A 327 14.93 -1.32 -28.89
N LEU A 328 14.40 -2.16 -27.99
CA LEU A 328 15.21 -2.68 -26.89
C LEU A 328 16.28 -3.65 -27.36
N SER A 329 16.13 -4.24 -28.55
CA SER A 329 17.12 -5.15 -29.09
C SER A 329 18.35 -4.42 -29.62
N ALA A 330 18.28 -3.10 -29.80
CA ALA A 330 19.40 -2.32 -30.30
C ALA A 330 19.79 -1.15 -29.41
N SER A 331 19.01 -0.85 -28.38
CA SER A 331 19.31 0.27 -27.50
C SER A 331 18.70 0.00 -26.13
N ASP A 332 19.13 0.78 -25.14
CA ASP A 332 18.57 0.73 -23.80
C ASP A 332 17.57 1.86 -23.54
N ASP A 333 17.29 2.68 -24.55
CA ASP A 333 16.33 3.77 -24.44
C ASP A 333 15.03 3.30 -25.08
N ILE A 334 14.12 2.78 -24.25
CA ILE A 334 12.85 2.27 -24.76
C ILE A 334 11.93 3.41 -25.21
N GLY A 335 12.18 4.63 -24.77
CA GLY A 335 11.32 5.75 -25.12
C GLY A 335 11.93 6.72 -26.11
N ASN A 336 12.69 6.20 -27.06
CA ASN A 336 13.29 7.03 -28.10
C ASN A 336 12.19 7.76 -28.86
N PRO A 337 12.23 9.10 -28.94
CA PRO A 337 11.10 9.83 -29.55
C PRO A 337 10.91 9.52 -31.02
N ASP A 338 12.00 9.32 -31.78
CA ASP A 338 11.87 9.02 -33.20
C ASP A 338 11.23 7.66 -33.43
N ASN A 339 11.51 6.69 -32.55
CA ASN A 339 10.86 5.39 -32.67
C ASN A 339 9.36 5.50 -32.42
N LEU A 340 8.96 6.34 -31.47
CA LEU A 340 7.53 6.56 -31.24
C LEU A 340 6.88 7.25 -32.42
N LEU A 341 7.58 8.19 -33.06
CA LEU A 341 7.04 8.87 -34.22
C LEU A 341 6.92 7.91 -35.41
N ALA A 342 7.84 6.96 -35.54
CA ALA A 342 7.72 5.95 -36.59
C ALA A 342 6.54 5.03 -36.32
N TYR A 343 6.24 4.76 -35.04
CA TYR A 343 5.06 3.97 -34.71
C TYR A 343 3.78 4.72 -35.05
N GLU A 344 3.74 6.01 -34.75
CA GLU A 344 2.53 6.79 -34.97
C GLU A 344 2.17 6.83 -36.45
N GLN A 345 3.16 7.02 -37.31
CA GLN A 345 2.90 7.04 -38.75
C GLN A 345 2.41 5.69 -39.26
N ALA A 346 2.98 4.60 -38.72
CA ALA A 346 2.57 3.27 -39.14
C ALA A 346 1.13 2.95 -38.75
N ARG A 347 0.59 3.63 -37.75
CA ARG A 347 -0.78 3.43 -37.32
C ARG A 347 -1.77 4.34 -38.04
N LEU A 348 -1.28 5.33 -38.79
CA LEU A 348 -2.17 6.31 -39.40
C LEU A 348 -3.17 5.66 -40.35
N SER A 349 -2.75 4.62 -41.06
CA SER A 349 -3.62 3.99 -42.05
C SER A 349 -4.79 3.27 -41.38
N ASP A 350 -4.52 2.55 -40.30
CA ASP A 350 -5.59 1.81 -39.62
C ASP A 350 -6.60 2.75 -38.98
N GLN A 351 -6.11 3.77 -38.26
CA GLN A 351 -7.01 4.68 -37.57
C GLN A 351 -7.87 5.47 -38.57
N GLN A 352 -7.27 5.92 -39.66
CA GLN A 352 -8.01 6.71 -40.64
C GLN A 352 -9.10 5.89 -41.32
N ARG A 353 -8.87 4.60 -41.53
CA ARG A 353 -9.89 3.78 -42.17
C ARG A 353 -11.00 3.37 -41.20
N VAL A 354 -10.70 3.32 -39.90
CA VAL A 354 -11.74 3.10 -38.90
C VAL A 354 -12.63 4.33 -38.79
N ILE A 355 -12.02 5.52 -38.78
CA ILE A 355 -12.75 6.78 -38.74
C ILE A 355 -13.67 6.91 -39.95
N LYS A 356 -13.17 6.56 -41.14
CA LYS A 356 -14.02 6.58 -42.32
C LYS A 356 -15.13 5.54 -42.23
N PHE A 357 -14.83 4.39 -41.63
CA PHE A 357 -15.85 3.36 -41.43
C PHE A 357 -16.93 3.82 -40.45
N CYS A 358 -16.56 4.65 -39.48
CA CYS A 358 -17.55 5.22 -38.57
C CYS A 358 -18.53 6.10 -39.33
N ASP A 359 -18.01 6.97 -40.20
CA ASP A 359 -18.87 7.83 -41.00
C ASP A 359 -19.80 7.00 -41.88
N THR A 360 -19.30 5.88 -42.42
CA THR A 360 -20.14 5.01 -43.23
C THR A 360 -21.25 4.39 -42.39
N VAL A 361 -20.94 4.01 -41.15
CA VAL A 361 -21.95 3.40 -40.29
C VAL A 361 -23.01 4.42 -39.88
N VAL A 362 -22.56 5.61 -39.46
CA VAL A 362 -23.50 6.64 -39.01
C VAL A 362 -24.41 7.08 -40.16
N ARG A 363 -23.83 7.30 -41.35
CA ARG A 363 -24.63 7.67 -42.51
C ARG A 363 -25.61 6.56 -42.90
N GLY A 364 -25.32 5.31 -42.53
CA GLY A 364 -26.22 4.22 -42.84
C GLY A 364 -27.47 4.18 -41.97
N PHE A 365 -27.45 4.89 -40.83
CA PHE A 365 -28.63 4.93 -39.98
C PHE A 365 -29.81 5.61 -40.70
N SER A 366 -29.53 6.63 -41.50
CA SER A 366 -30.56 7.28 -42.29
C SER A 366 -31.06 6.41 -43.43
N ASN A 367 -30.43 5.26 -43.68
CA ASN A 367 -30.81 4.38 -44.78
C ASN A 367 -31.78 3.34 -44.25
N GLN A 368 -33.07 3.56 -44.49
CA GLN A 368 -34.06 2.52 -44.27
C GLN A 368 -34.15 1.63 -45.49
N ASN A 369 -34.56 0.38 -45.26
CA ASN A 369 -34.66 -0.65 -46.29
C ASN A 369 -33.31 -0.85 -47.00
N PRO A 370 -32.29 -1.36 -46.31
CA PRO A 370 -30.99 -1.58 -46.98
C PRO A 370 -30.93 -2.92 -47.69
N LEU A 371 -31.71 -3.90 -47.23
CA LEU A 371 -31.73 -5.21 -47.88
C LEU A 371 -32.36 -5.11 -49.26
N LEU A 372 -33.41 -4.31 -49.40
CA LEU A 372 -34.02 -4.12 -50.71
C LEU A 372 -33.12 -3.37 -51.66
N LYS A 373 -32.31 -2.44 -51.14
CA LYS A 373 -31.36 -1.74 -52.00
C LYS A 373 -30.31 -2.69 -52.56
N LEU A 374 -29.89 -3.67 -51.76
CA LEU A 374 -28.98 -4.69 -52.26
C LEU A 374 -29.67 -5.56 -53.32
N ILE A 375 -30.94 -5.88 -53.11
CA ILE A 375 -31.70 -6.64 -54.11
C ILE A 375 -31.91 -5.81 -55.36
N ARG A 376 -31.97 -4.48 -55.23
CA ARG A 376 -32.10 -3.62 -56.40
C ARG A 376 -30.78 -3.47 -57.12
N ASN A 377 -29.69 -3.25 -56.38
CA ASN A 377 -28.40 -2.92 -56.98
C ASN A 377 -27.70 -4.11 -57.61
N THR A 378 -28.32 -5.29 -57.65
CA THR A 378 -27.71 -6.45 -58.30
C THR A 378 -28.23 -6.68 -59.71
N GLY A 379 -29.22 -5.90 -60.16
CA GLY A 379 -29.76 -6.06 -61.49
C GLY A 379 -30.49 -7.37 -61.72
N LEU A 380 -30.89 -8.06 -60.66
CA LEU A 380 -31.57 -9.34 -60.82
C LEU A 380 -32.95 -9.17 -61.44
N ILE A 381 -33.77 -8.32 -60.82
CA ILE A 381 -35.14 -8.09 -61.27
C ILE A 381 -35.31 -6.63 -61.64
N ALA A 382 -36.46 -6.31 -62.25
CA ALA A 382 -36.74 -4.98 -62.74
C ALA A 382 -37.55 -4.21 -61.69
N PHE A 383 -36.96 -3.15 -61.15
CA PHE A 383 -37.61 -2.26 -60.20
C PHE A 383 -37.85 -0.90 -60.84
N ASP A 384 -38.39 0.02 -60.04
CA ASP A 384 -38.57 1.40 -60.47
C ASP A 384 -38.74 2.28 -59.24
N VAL A 385 -37.94 3.33 -59.14
CA VAL A 385 -38.02 4.25 -58.02
C VAL A 385 -38.48 5.63 -58.48
N GLN B 3 -3.19 14.27 7.14
CA GLN B 3 -2.74 14.16 8.53
C GLN B 3 -2.21 15.50 9.04
N GLN B 4 -1.62 15.48 10.23
CA GLN B 4 -1.14 16.70 10.86
C GLN B 4 0.27 16.53 11.42
N VAL B 5 0.60 15.30 11.80
CA VAL B 5 1.88 14.98 12.43
C VAL B 5 2.58 13.91 11.62
N ILE B 6 3.91 14.04 11.47
CA ILE B 6 4.73 13.04 10.81
C ILE B 6 5.73 12.51 11.82
N ILE B 7 5.78 11.19 11.98
CA ILE B 7 6.76 10.53 12.84
C ILE B 7 7.72 9.75 11.96
N VAL B 8 9.00 10.07 12.06
CA VAL B 8 10.04 9.36 11.32
C VAL B 8 10.68 8.35 12.27
N GLY B 9 10.51 7.07 11.97
CA GLY B 9 11.01 6.02 12.82
C GLY B 9 9.90 5.17 13.40
N GLY B 10 9.79 3.93 12.94
CA GLY B 10 8.70 3.07 13.36
C GLY B 10 9.10 1.98 14.32
N GLY B 11 9.85 2.34 15.36
CA GLY B 11 10.23 1.40 16.41
C GLY B 11 9.22 1.39 17.54
N MET B 12 9.66 0.85 18.69
CA MET B 12 8.79 0.81 19.86
C MET B 12 8.33 2.21 20.25
N VAL B 13 9.24 3.18 20.23
CA VAL B 13 8.89 4.54 20.62
C VAL B 13 7.97 5.17 19.58
N GLY B 14 8.32 5.03 18.30
CA GLY B 14 7.50 5.61 17.25
C GLY B 14 6.11 5.00 17.19
N LEU B 15 6.02 3.68 17.30
CA LEU B 15 4.72 3.02 17.28
C LEU B 15 3.88 3.42 18.50
N SER B 16 4.52 3.53 19.67
CA SER B 16 3.79 3.94 20.86
C SER B 16 3.33 5.39 20.76
N LEU B 17 4.19 6.27 20.23
CA LEU B 17 3.83 7.68 20.10
C LEU B 17 2.66 7.86 19.13
N SER B 18 2.66 7.10 18.02
CA SER B 18 1.57 7.20 17.07
C SER B 18 0.25 6.75 17.67
N LEU B 19 0.29 5.78 18.58
CA LEU B 19 -0.94 5.32 19.21
C LEU B 19 -1.46 6.32 20.24
N MET B 20 -0.56 7.02 20.94
CA MET B 20 -1.01 8.07 21.86
C MET B 20 -1.64 9.23 21.09
N LEU B 21 -1.07 9.59 19.95
CA LEU B 21 -1.65 10.65 19.13
C LEU B 21 -3.00 10.23 18.56
N ALA B 22 -3.10 8.99 18.09
CA ALA B 22 -4.36 8.49 17.56
C ALA B 22 -5.43 8.44 18.64
N LYS B 23 -5.03 8.10 19.87
CA LYS B 23 -5.98 8.11 20.98
C LYS B 23 -6.48 9.51 21.28
N ALA B 24 -5.64 10.52 21.07
CA ALA B 24 -6.02 11.92 21.26
C ALA B 24 -6.65 12.52 20.01
N ASN B 25 -7.09 11.68 19.06
CA ASN B 25 -7.74 12.12 17.83
C ASN B 25 -6.81 13.01 16.99
N ILE B 26 -5.54 12.62 16.91
CA ILE B 26 -4.54 13.34 16.12
C ILE B 26 -4.02 12.39 15.06
N ALA B 27 -4.28 12.72 13.80
CA ALA B 27 -3.80 11.89 12.69
C ALA B 27 -2.29 12.01 12.56
N VAL B 28 -1.67 10.94 12.06
CA VAL B 28 -0.22 10.86 12.01
C VAL B 28 0.21 9.99 10.84
N LYS B 29 1.25 10.43 10.14
CA LYS B 29 1.94 9.62 9.14
C LYS B 29 3.18 9.02 9.78
N LEU B 30 3.26 7.70 9.81
CA LEU B 30 4.39 6.99 10.41
C LEU B 30 5.27 6.43 9.30
N LEU B 31 6.55 6.79 9.33
CA LEU B 31 7.51 6.36 8.33
C LEU B 31 8.50 5.38 8.94
N GLU B 32 8.84 4.34 8.18
CA GLU B 32 9.78 3.34 8.67
C GLU B 32 10.57 2.77 7.50
N ALA B 33 11.86 2.56 7.71
CA ALA B 33 12.75 2.07 6.66
C ALA B 33 12.49 0.61 6.34
N VAL B 34 12.27 -0.21 7.37
CA VAL B 34 12.10 -1.64 7.18
C VAL B 34 10.65 -1.94 6.86
N LYS B 35 10.42 -3.06 6.18
CA LYS B 35 9.08 -3.51 5.85
C LYS B 35 8.56 -4.42 6.94
N TYR B 36 7.38 -4.10 7.47
CA TYR B 36 6.82 -4.87 8.57
C TYR B 36 6.28 -6.21 8.07
N PRO B 37 6.33 -7.25 8.90
CA PRO B 37 5.71 -8.52 8.51
C PRO B 37 4.19 -8.39 8.50
N ASN B 38 3.58 -8.86 7.41
CA ASN B 38 2.13 -8.77 7.24
C ASN B 38 1.54 -10.15 7.55
N TYR B 39 1.46 -10.45 8.85
CA TYR B 39 0.89 -11.73 9.27
C TYR B 39 -0.61 -11.74 8.98
N ASP B 40 -1.01 -12.50 7.96
CA ASP B 40 -2.41 -12.60 7.54
C ASP B 40 -2.78 -14.08 7.40
N ASP B 41 -2.92 -14.73 8.54
CA ASP B 41 -3.29 -16.15 8.63
C ASP B 41 -2.38 -17.03 7.79
N VAL B 44 -2.84 -17.70 11.29
CA VAL B 44 -2.38 -16.33 11.19
C VAL B 44 -0.87 -16.33 11.31
N ALA B 45 -0.42 -16.21 12.55
CA ALA B 45 0.98 -16.21 12.90
C ALA B 45 1.03 -16.41 14.40
N PRO B 46 1.46 -17.58 14.83
CA PRO B 46 1.66 -18.16 16.17
C PRO B 46 2.89 -17.60 16.85
N TYR B 47 2.66 -16.92 17.97
CA TYR B 47 3.75 -16.34 18.75
C TYR B 47 4.39 -17.41 19.62
N HIS B 48 5.72 -17.47 19.60
CA HIS B 48 6.48 -18.39 20.44
C HIS B 48 7.71 -17.67 20.95
N SER B 49 7.89 -17.63 22.27
CA SER B 49 9.04 -16.97 22.86
C SER B 49 10.30 -17.77 22.58
N SER B 50 11.26 -17.14 21.90
CA SER B 50 12.50 -17.81 21.53
C SER B 50 13.55 -17.62 22.63
N PHE B 51 14.48 -18.58 22.71
CA PHE B 51 15.57 -18.48 23.67
C PHE B 51 16.51 -17.33 23.33
N ASP B 52 16.57 -16.93 22.06
CA ASP B 52 17.44 -15.86 21.62
C ASP B 52 16.71 -14.53 21.50
N ALA B 53 15.45 -14.46 21.94
CA ALA B 53 14.70 -13.22 21.87
C ALA B 53 15.13 -12.26 22.97
N ARG B 54 14.97 -10.96 22.71
CA ARG B 54 15.35 -9.93 23.66
C ARG B 54 14.18 -9.58 24.57
N ASN B 55 14.51 -9.01 25.72
CA ASN B 55 13.53 -8.66 26.75
C ASN B 55 13.73 -7.20 27.16
N THR B 56 12.72 -6.67 27.84
CA THR B 56 12.74 -5.27 28.29
C THR B 56 12.06 -5.17 29.64
N ALA B 57 12.70 -4.48 30.58
CA ALA B 57 12.15 -4.27 31.91
C ALA B 57 11.35 -2.97 31.89
N LEU B 58 10.04 -3.08 32.06
CA LEU B 58 9.16 -1.91 32.06
C LEU B 58 8.94 -1.41 33.48
N SER B 59 9.00 -0.10 33.65
CA SER B 59 8.77 0.50 34.95
C SER B 59 7.28 0.56 35.25
N ARG B 60 6.93 1.04 36.45
CA ARG B 60 5.51 1.17 36.81
C ARG B 60 4.84 2.23 35.95
N ARG B 61 5.53 3.33 35.66
CA ARG B 61 4.97 4.37 34.80
C ARG B 61 4.74 3.85 33.38
N SER B 62 5.64 2.99 32.89
CA SER B 62 5.46 2.42 31.57
C SER B 62 4.24 1.50 31.52
N VAL B 63 4.05 0.69 32.56
CA VAL B 63 2.85 -0.16 32.62
C VAL B 63 1.60 0.71 32.71
N GLN B 64 1.65 1.76 33.52
CA GLN B 64 0.50 2.67 33.64
C GLN B 64 0.25 3.39 32.32
N ILE B 65 1.31 3.77 31.60
CA ILE B 65 1.15 4.46 30.33
C ILE B 65 0.42 3.58 29.33
N TYR B 66 0.81 2.31 29.25
CA TYR B 66 0.12 1.38 28.36
C TYR B 66 -1.27 1.02 28.87
N GLN B 67 -1.52 1.16 30.17
CA GLN B 67 -2.87 0.94 30.69
C GLN B 67 -3.82 2.02 30.21
N LYS B 68 -3.38 3.28 30.21
CA LYS B 68 -4.21 4.35 29.68
C LYS B 68 -4.44 4.19 28.19
N LEU B 69 -3.47 3.63 27.47
CA LEU B 69 -3.63 3.35 26.05
C LEU B 69 -4.51 2.14 25.78
N GLY B 70 -4.89 1.38 26.82
CA GLY B 70 -5.69 0.20 26.62
C GLY B 70 -4.96 -0.96 25.99
N LEU B 71 -3.63 -1.00 26.12
CA LEU B 71 -2.83 -2.04 25.49
C LEU B 71 -2.24 -3.05 26.46
N TRP B 72 -2.23 -2.73 27.77
CA TRP B 72 -1.53 -3.60 28.71
C TRP B 72 -2.22 -4.95 28.87
N ASP B 73 -3.53 -5.02 28.63
CA ASP B 73 -4.22 -6.31 28.75
C ASP B 73 -3.66 -7.32 27.75
N ALA B 74 -3.27 -6.87 26.56
CA ALA B 74 -2.63 -7.75 25.60
C ALA B 74 -1.15 -7.93 25.89
N LEU B 75 -0.48 -6.85 26.32
CA LEU B 75 0.94 -6.93 26.62
C LEU B 75 1.22 -7.84 27.82
N GLN B 76 0.28 -7.94 28.75
CA GLN B 76 0.46 -8.79 29.93
C GLN B 76 0.56 -10.27 29.57
N GLN B 77 0.05 -10.66 28.40
CA GLN B 77 0.04 -12.08 28.03
C GLN B 77 1.45 -12.65 27.96
N HIS B 78 2.45 -11.83 27.66
CA HIS B 78 3.84 -12.26 27.59
C HIS B 78 4.73 -11.28 28.34
N ALA B 79 4.33 -10.97 29.58
CA ALA B 79 5.12 -10.13 30.47
C ALA B 79 4.88 -10.60 31.90
N THR B 80 5.95 -10.65 32.68
CA THR B 80 5.84 -11.13 34.04
C THR B 80 6.25 -10.04 35.03
N PRO B 81 5.61 -9.97 36.19
CA PRO B 81 6.00 -8.98 37.20
C PRO B 81 7.17 -9.47 38.04
N ILE B 82 7.88 -8.51 38.61
CA ILE B 82 8.94 -8.78 39.58
C ILE B 82 8.38 -8.47 40.95
N LEU B 83 8.23 -9.49 41.78
CA LEU B 83 7.63 -9.34 43.11
C LEU B 83 8.66 -9.17 44.21
N GLN B 84 9.83 -9.80 44.09
CA GLN B 84 10.90 -9.65 45.07
C GLN B 84 12.23 -9.60 44.36
N VAL B 85 13.22 -9.05 45.06
CA VAL B 85 14.61 -9.08 44.61
C VAL B 85 15.47 -9.66 45.72
N HIS B 86 16.41 -10.52 45.34
CA HIS B 86 17.32 -11.17 46.27
C HIS B 86 18.75 -10.82 45.90
N ILE B 87 19.44 -10.13 46.78
CA ILE B 87 20.82 -9.68 46.56
C ILE B 87 21.71 -10.33 47.62
N THR B 88 22.77 -10.99 47.18
CA THR B 88 23.66 -11.71 48.07
C THR B 88 25.11 -11.40 47.72
N GLU B 89 25.99 -11.74 48.66
CA GLU B 89 27.43 -11.58 48.46
C GLU B 89 28.17 -12.48 49.44
N GLN B 90 29.45 -12.72 49.15
CA GLN B 90 30.28 -13.56 50.02
C GLN B 90 31.74 -13.17 49.72
N GLY B 91 32.24 -12.19 50.47
CA GLY B 91 33.58 -11.68 50.31
C GLY B 91 34.33 -11.65 51.63
N SER B 92 35.22 -10.67 51.74
CA SER B 92 36.06 -10.50 52.93
C SER B 92 35.39 -9.64 53.99
N PHE B 93 34.07 -9.73 54.13
CA PHE B 93 33.35 -9.05 55.20
C PHE B 93 32.25 -9.91 55.80
N GLY B 94 31.94 -11.06 55.23
CA GLY B 94 30.80 -11.87 55.63
C GLY B 94 29.85 -12.09 54.47
N LYS B 95 28.87 -12.97 54.73
CA LYS B 95 27.80 -13.20 53.79
C LYS B 95 26.58 -12.38 54.21
N ALA B 96 25.92 -11.77 53.23
CA ALA B 96 24.80 -10.89 53.49
C ALA B 96 23.74 -11.09 52.42
N ARG B 97 22.48 -11.00 52.82
CA ARG B 97 21.34 -11.17 51.91
C ARG B 97 20.40 -9.99 52.07
N LEU B 98 20.00 -9.40 50.95
CA LEU B 98 19.04 -8.31 50.91
C LEU B 98 17.80 -8.79 50.17
N VAL B 99 16.69 -8.93 50.88
CA VAL B 99 15.42 -9.33 50.31
C VAL B 99 14.45 -8.16 50.41
N ALA B 100 13.92 -7.73 49.28
CA ALA B 100 12.97 -6.63 49.23
C ALA B 100 11.64 -7.15 48.67
N GLU B 101 10.57 -6.90 49.41
CA GLU B 101 9.23 -7.34 49.01
C GLU B 101 8.47 -6.20 48.37
N GLN B 102 7.74 -6.51 47.30
CA GLN B 102 6.83 -5.56 46.68
C GLN B 102 5.46 -5.66 47.31
N GLU B 103 4.78 -4.51 47.39
CA GLU B 103 3.44 -4.47 47.99
C GLU B 103 2.47 -3.73 47.09
N LYS B 104 2.96 -2.74 46.36
CA LYS B 104 2.16 -2.02 45.37
C LYS B 104 2.39 -2.64 44.00
N VAL B 105 1.33 -2.67 43.20
CA VAL B 105 1.37 -3.40 41.93
C VAL B 105 2.38 -2.74 40.99
N GLU B 106 3.31 -3.54 40.48
CA GLU B 106 4.30 -3.16 39.48
C GLU B 106 5.33 -2.16 39.98
N SER B 107 5.52 -2.05 41.31
CA SER B 107 6.55 -1.15 41.82
C SER B 107 7.93 -1.56 41.32
N PHE B 108 8.22 -2.86 41.29
CA PHE B 108 9.44 -3.35 40.68
C PHE B 108 9.32 -3.50 39.16
N GLY B 109 8.14 -3.29 38.61
CA GLY B 109 7.95 -3.31 37.18
C GLY B 109 7.66 -4.69 36.61
N GLN B 110 7.64 -4.74 35.29
CA GLN B 110 7.40 -5.99 34.56
C GLN B 110 8.47 -6.18 33.51
N VAL B 111 8.76 -7.44 33.21
CA VAL B 111 9.71 -7.82 32.18
C VAL B 111 8.91 -8.37 31.01
N ILE B 112 8.91 -7.65 29.89
CA ILE B 112 8.13 -8.02 28.71
C ILE B 112 9.09 -8.52 27.64
N GLU B 113 8.60 -9.46 26.83
CA GLU B 113 9.34 -9.92 25.66
C GLU B 113 9.22 -8.89 24.54
N ASN B 114 10.35 -8.59 23.90
CA ASN B 114 10.37 -7.54 22.89
C ASN B 114 9.51 -7.90 21.69
N ALA B 115 9.54 -9.18 21.27
CA ALA B 115 8.77 -9.58 20.10
C ALA B 115 7.28 -9.42 20.33
N TRP B 116 6.81 -9.64 21.56
CA TRP B 116 5.39 -9.46 21.86
C TRP B 116 5.02 -7.99 21.94
N LEU B 117 5.93 -7.15 22.48
CA LEU B 117 5.65 -5.73 22.58
C LEU B 117 5.47 -5.10 21.21
N GLY B 118 6.36 -5.43 20.26
CA GLY B 118 6.24 -4.87 18.93
C GLY B 118 5.07 -5.41 18.14
N ARG B 119 4.72 -6.68 18.37
CA ARG B 119 3.60 -7.28 17.66
C ARG B 119 2.28 -6.64 18.08
N VAL B 120 2.09 -6.44 19.38
CA VAL B 120 0.86 -5.80 19.85
C VAL B 120 0.80 -4.35 19.38
N LEU B 121 1.92 -3.64 19.42
CA LEU B 121 1.95 -2.26 18.95
C LEU B 121 1.67 -2.18 17.45
N LEU B 122 2.30 -3.07 16.67
CA LEU B 122 2.10 -3.05 15.22
C LEU B 122 0.68 -3.44 14.85
N THR B 123 0.11 -4.43 15.54
CA THR B 123 -1.26 -4.84 15.24
C THR B 123 -2.25 -3.74 15.56
N GLN B 124 -2.07 -3.05 16.68
CA GLN B 124 -2.99 -1.98 17.07
C GLN B 124 -2.84 -0.77 16.15
N VAL B 125 -1.63 -0.50 15.67
CA VAL B 125 -1.41 0.62 14.76
C VAL B 125 -2.16 0.40 13.46
N ARG B 126 -2.11 -0.83 12.93
CA ARG B 126 -2.80 -1.13 11.67
C ARG B 126 -4.31 -1.07 11.82
N GLN B 127 -4.83 -1.13 13.04
CA GLN B 127 -6.27 -1.02 13.28
C GLN B 127 -6.73 0.42 13.45
N GLN B 128 -5.81 1.37 13.66
CA GLN B 128 -6.16 2.76 13.87
C GLN B 128 -6.22 3.47 12.52
N PRO B 129 -7.40 3.93 12.08
CA PRO B 129 -7.46 4.63 10.79
C PRO B 129 -6.76 5.99 10.79
N LEU B 130 -6.47 6.54 11.96
CA LEU B 130 -5.77 7.82 12.06
C LEU B 130 -4.26 7.70 11.88
N ILE B 131 -3.73 6.49 11.76
CA ILE B 131 -2.31 6.25 11.58
C ILE B 131 -2.10 5.66 10.19
N GLU B 132 -1.40 6.41 9.33
CA GLU B 132 -1.03 5.93 8.01
C GLU B 132 0.36 5.33 8.09
N LEU B 133 0.43 4.00 8.04
CA LEU B 133 1.71 3.29 8.12
C LEU B 133 2.37 3.27 6.74
N ILE B 134 3.57 3.86 6.65
CA ILE B 134 4.32 3.92 5.40
C ILE B 134 5.67 3.27 5.68
N ASP B 135 5.80 1.99 5.35
CA ASP B 135 7.04 1.25 5.56
C ASP B 135 7.87 1.21 4.28
N GLY B 136 9.13 0.81 4.42
CA GLY B 136 10.01 0.71 3.28
C GLY B 136 10.47 2.02 2.70
N VAL B 137 10.44 3.09 3.49
CA VAL B 137 10.84 4.42 3.02
C VAL B 137 11.96 4.94 3.91
N GLN B 138 12.95 5.59 3.28
CA GLN B 138 14.09 6.17 3.98
C GLN B 138 14.13 7.66 3.69
N VAL B 139 14.02 8.47 4.75
CA VAL B 139 14.05 9.93 4.58
C VAL B 139 15.44 10.35 4.13
N THR B 140 15.49 11.20 3.09
CA THR B 140 16.75 11.69 2.55
C THR B 140 16.82 13.21 2.45
N ALA B 141 15.79 13.94 2.88
CA ALA B 141 15.82 15.39 2.85
C ALA B 141 14.88 15.92 3.91
N LEU B 142 15.28 17.02 4.55
CA LEU B 142 14.47 17.66 5.57
C LEU B 142 14.78 19.14 5.60
N THR B 143 13.77 19.97 5.34
CA THR B 143 13.90 21.41 5.39
C THR B 143 12.77 22.00 6.22
N GLN B 144 12.90 23.28 6.56
CA GLN B 144 11.95 23.96 7.42
C GLN B 144 11.76 25.40 6.97
N ASP B 145 10.57 25.92 7.19
CA ASP B 145 10.30 27.35 7.05
C ASP B 145 9.46 27.77 8.25
N ALA B 146 8.83 28.95 8.15
CA ALA B 146 8.08 29.48 9.28
C ALA B 146 6.77 28.73 9.52
N GLU B 147 6.31 27.93 8.56
CA GLU B 147 4.98 27.33 8.65
C GLU B 147 4.96 25.82 8.64
N GLN B 148 5.88 25.16 7.92
CA GLN B 148 5.78 23.72 7.76
C GLN B 148 7.16 23.09 7.68
N VAL B 149 7.20 21.78 7.91
CA VAL B 149 8.38 20.96 7.68
C VAL B 149 8.20 20.23 6.36
N TYR B 150 9.28 20.06 5.61
CA TYR B 150 9.25 19.38 4.32
C TYR B 150 10.26 18.25 4.32
N ILE B 151 9.82 17.06 3.94
CA ILE B 151 10.70 15.90 3.88
C ILE B 151 10.56 15.24 2.52
N GLU B 152 11.62 14.54 2.11
CA GLU B 152 11.64 13.75 0.88
C GLU B 152 12.05 12.34 1.24
N ALA B 153 11.10 11.42 1.19
CA ALA B 153 11.37 10.01 1.44
C ALA B 153 11.61 9.28 0.12
N GLN B 154 12.45 8.26 0.17
CA GLN B 154 12.84 7.50 -1.01
C GLN B 154 12.32 6.08 -0.90
N ARG B 155 11.66 5.60 -1.96
CA ARG B 155 11.10 4.26 -2.02
C ARG B 155 11.59 3.61 -3.32
N GLY B 156 12.89 3.31 -3.38
CA GLY B 156 13.49 2.74 -4.57
C GLY B 156 13.62 3.76 -5.68
N ASP B 157 12.68 3.74 -6.62
CA ASP B 157 12.64 4.70 -7.71
C ASP B 157 11.74 5.89 -7.44
N GLU B 158 10.71 5.71 -6.62
CA GLU B 158 9.74 6.77 -6.35
C GLU B 158 10.30 7.80 -5.37
N ILE B 159 9.83 9.04 -5.53
CA ILE B 159 10.11 10.12 -4.59
C ILE B 159 8.83 10.39 -3.82
N LEU B 160 8.93 10.42 -2.49
CA LEU B 160 7.78 10.71 -1.63
C LEU B 160 8.02 12.06 -0.97
N LYS B 161 7.14 13.02 -1.27
CA LYS B 161 7.21 14.36 -0.70
C LYS B 161 6.06 14.54 0.28
N LEU B 162 6.40 14.84 1.53
CA LEU B 162 5.40 15.02 2.58
C LEU B 162 5.69 16.30 3.34
N GLU B 163 4.65 16.84 3.97
CA GLU B 163 4.78 18.03 4.80
C GLU B 163 3.78 17.97 5.93
N SER B 164 4.10 18.68 7.01
CA SER B 164 3.24 18.72 8.18
C SER B 164 3.64 19.90 9.05
N LYS B 165 2.75 20.26 9.97
CA LYS B 165 3.04 21.34 10.92
C LYS B 165 4.06 20.92 11.97
N LEU B 166 4.20 19.62 12.22
CA LEU B 166 5.13 19.12 13.23
C LEU B 166 5.72 17.81 12.76
N LEU B 167 7.02 17.64 12.97
CA LEU B 167 7.72 16.40 12.64
C LEU B 167 8.35 15.84 13.90
N ILE B 168 8.04 14.58 14.20
CA ILE B 168 8.59 13.88 15.36
C ILE B 168 9.64 12.91 14.87
N ALA B 169 10.90 13.15 15.24
CA ALA B 169 12.01 12.31 14.80
C ALA B 169 12.28 11.26 15.87
N ALA B 170 12.06 9.99 15.53
CA ALA B 170 12.32 8.87 16.41
C ALA B 170 12.99 7.74 15.62
N ASP B 171 14.03 8.10 14.87
CA ASP B 171 14.67 7.19 13.94
C ASP B 171 15.94 6.56 14.49
N GLY B 172 16.10 6.51 15.81
CA GLY B 172 17.16 5.75 16.42
C GLY B 172 18.38 6.59 16.77
N ARG B 173 19.40 5.87 17.28
CA ARG B 173 20.62 6.53 17.73
C ARG B 173 21.33 7.23 16.58
N ASP B 174 21.32 6.63 15.40
CA ASP B 174 21.91 7.25 14.20
C ASP B 174 20.82 7.96 13.40
N SER B 175 20.15 8.89 14.07
CA SER B 175 19.02 9.60 13.47
C SER B 175 19.49 10.43 12.28
N PHE B 176 18.71 10.38 11.20
CA PHE B 176 19.01 11.21 10.04
C PHE B 176 18.46 12.62 10.20
N CYS B 177 17.26 12.75 10.78
CA CYS B 177 16.66 14.07 10.97
C CYS B 177 17.47 14.92 11.93
N ARG B 178 18.13 14.30 12.91
CA ARG B 178 18.91 15.06 13.88
C ARG B 178 20.10 15.73 13.21
N GLN B 179 20.78 15.03 12.31
CA GLN B 179 21.87 15.66 11.56
C GLN B 179 21.35 16.59 10.47
N ALA B 180 20.14 16.36 9.99
CA ALA B 180 19.56 17.23 8.97
C ALA B 180 19.23 18.61 9.54
N ILE B 181 18.88 18.69 10.82
CA ILE B 181 18.56 19.95 11.47
C ILE B 181 19.84 20.52 12.09
N GLY B 182 20.98 19.89 11.82
CA GLY B 182 22.26 20.37 12.29
C GLY B 182 22.43 20.30 13.80
N VAL B 183 22.27 19.11 14.37
CA VAL B 183 22.40 18.90 15.81
C VAL B 183 23.41 17.77 16.04
N GLY B 184 24.48 18.08 16.77
CA GLY B 184 25.48 17.09 17.10
C GLY B 184 25.11 16.29 18.34
N VAL B 185 25.98 15.35 18.68
CA VAL B 185 25.79 14.48 19.83
C VAL B 185 27.08 14.40 20.63
N ASP B 186 26.94 14.13 21.93
CA ASP B 186 28.06 13.84 22.81
C ASP B 186 28.06 12.36 23.13
N VAL B 187 29.22 11.72 23.02
CA VAL B 187 29.34 10.28 23.19
C VAL B 187 30.19 10.03 24.44
N HIS B 188 29.63 9.27 25.37
CA HIS B 188 30.34 8.85 26.58
C HIS B 188 30.44 7.33 26.57
N ASP B 189 31.66 6.81 26.51
CA ASP B 189 31.90 5.37 26.49
C ASP B 189 32.39 4.89 27.83
N TYR B 190 32.05 3.64 28.15
CA TYR B 190 32.53 2.97 29.34
C TYR B 190 33.36 1.76 28.94
N ASP B 191 34.22 1.32 29.87
CA ASP B 191 35.03 0.12 29.65
C ASP B 191 34.30 -1.15 30.03
N GLN B 192 32.99 -1.19 29.83
CA GLN B 192 32.18 -2.34 30.20
C GLN B 192 31.35 -2.81 29.01
N VAL B 193 31.01 -4.10 29.03
CA VAL B 193 30.18 -4.71 28.00
C VAL B 193 29.13 -5.57 28.68
N ALA B 194 27.87 -5.36 28.34
CA ALA B 194 26.77 -6.12 28.93
C ALA B 194 26.55 -7.42 28.16
N ILE B 195 26.57 -8.53 28.88
CA ILE B 195 26.31 -9.85 28.30
C ILE B 195 24.92 -10.27 28.74
N VAL B 196 24.00 -10.37 27.79
CA VAL B 196 22.63 -10.75 28.07
C VAL B 196 22.28 -12.02 27.31
N THR B 197 21.36 -12.79 27.86
CA THR B 197 20.90 -14.04 27.25
C THR B 197 19.67 -14.51 28.03
N THR B 198 19.11 -15.63 27.61
CA THR B 198 17.98 -16.27 28.28
C THR B 198 18.36 -17.71 28.62
N VAL B 199 18.22 -18.07 29.89
CA VAL B 199 18.57 -19.41 30.35
C VAL B 199 17.31 -20.09 30.89
N GLN B 200 17.41 -21.40 31.07
CA GLN B 200 16.33 -22.22 31.63
C GLN B 200 16.83 -22.90 32.90
N THR B 201 16.11 -22.72 33.99
CA THR B 201 16.49 -23.25 35.29
C THR B 201 15.50 -24.31 35.74
N SER B 202 16.02 -25.29 36.49
CA SER B 202 15.16 -26.35 37.01
C SER B 202 14.18 -25.81 38.06
N LYS B 203 14.60 -24.82 38.84
CA LYS B 203 13.73 -24.19 39.81
C LYS B 203 13.02 -22.99 39.18
N PRO B 204 11.73 -22.80 39.45
CA PRO B 204 11.04 -21.61 38.94
C PRO B 204 11.48 -20.37 39.70
N HIS B 205 11.43 -19.23 39.01
CA HIS B 205 11.84 -17.97 39.62
C HIS B 205 10.78 -17.42 40.56
N GLU B 206 9.51 -17.69 40.29
CA GLU B 206 8.40 -17.21 41.11
C GLU B 206 8.43 -15.69 41.25
N HIS B 207 8.71 -15.02 40.12
CA HIS B 207 8.68 -13.55 40.03
C HIS B 207 9.72 -12.91 40.94
N VAL B 208 10.85 -13.58 41.17
CA VAL B 208 11.91 -13.07 42.01
C VAL B 208 13.15 -12.82 41.16
N GLY B 209 13.66 -11.60 41.21
CA GLY B 209 14.90 -11.27 40.52
C GLY B 209 16.10 -11.42 41.46
N PHE B 210 17.20 -11.94 40.92
CA PHE B 210 18.38 -12.23 41.71
C PHE B 210 19.57 -11.43 41.20
N GLU B 211 20.50 -11.14 42.10
CA GLU B 211 21.77 -10.52 41.74
C GLU B 211 22.83 -10.96 42.75
N ARG B 212 23.97 -11.40 42.23
CA ARG B 212 25.09 -11.86 43.05
C ARG B 212 26.33 -11.07 42.66
N PHE B 213 26.92 -10.37 43.63
CA PHE B 213 28.16 -9.63 43.42
C PHE B 213 29.33 -10.56 43.63
N SER B 214 30.03 -10.89 42.55
CA SER B 214 31.15 -11.82 42.57
C SER B 214 32.38 -11.16 41.97
N ALA B 215 33.46 -11.94 41.88
CA ALA B 215 34.68 -11.42 41.25
C ALA B 215 34.49 -11.23 39.75
N LEU B 216 33.60 -12.01 39.14
CA LEU B 216 33.29 -11.84 37.72
C LEU B 216 32.45 -10.60 37.44
N GLY B 217 31.97 -9.92 38.47
CA GLY B 217 31.10 -8.79 38.31
C GLY B 217 29.70 -9.12 38.78
N PRO B 218 28.79 -8.13 38.72
CA PRO B 218 27.41 -8.36 39.14
C PRO B 218 26.68 -9.25 38.15
N LEU B 219 26.18 -10.38 38.63
CA LEU B 219 25.45 -11.34 37.82
C LEU B 219 23.98 -11.26 38.16
N ALA B 220 23.16 -10.86 37.19
CA ALA B 220 21.73 -10.66 37.39
C ALA B 220 20.93 -11.86 36.90
N LEU B 221 19.75 -12.05 37.50
CA LEU B 221 18.84 -13.13 37.11
C LEU B 221 17.42 -12.57 37.18
N LEU B 222 16.90 -12.11 36.05
CA LEU B 222 15.57 -11.51 36.04
C LEU B 222 14.52 -12.53 35.61
N PRO B 223 13.32 -12.46 36.18
CA PRO B 223 12.27 -13.40 35.77
C PRO B 223 11.73 -13.07 34.38
N LEU B 224 11.26 -14.11 33.70
CA LEU B 224 10.70 -14.03 32.38
C LEU B 224 9.29 -14.59 32.37
N PRO B 225 8.49 -14.30 31.34
CA PRO B 225 7.13 -14.86 31.28
C PRO B 225 7.08 -16.37 31.48
N GLY B 226 8.08 -17.10 30.96
CA GLY B 226 8.17 -18.52 31.27
C GLY B 226 8.55 -18.71 32.72
N GLU B 227 7.77 -19.53 33.43
CA GLU B 227 8.00 -19.72 34.86
C GLU B 227 9.37 -20.30 35.16
N TYR B 228 9.98 -20.98 34.21
CA TYR B 228 11.32 -21.56 34.38
C TYR B 228 12.36 -20.89 33.50
N ARG B 229 12.04 -19.74 32.90
CA ARG B 229 12.95 -18.98 32.06
C ARG B 229 13.41 -17.74 32.80
N ARG B 230 14.69 -17.40 32.65
CA ARG B 230 15.26 -16.23 33.31
C ARG B 230 16.13 -15.46 32.34
N SER B 231 16.21 -14.14 32.55
CA SER B 231 17.01 -13.25 31.73
C SER B 231 18.28 -12.89 32.48
N VAL B 232 19.43 -13.20 31.89
CA VAL B 232 20.73 -12.95 32.51
C VAL B 232 21.26 -11.62 32.02
N VAL B 233 21.80 -10.83 32.95
CA VAL B 233 22.47 -9.57 32.64
C VAL B 233 23.81 -9.58 33.36
N TRP B 234 24.90 -9.52 32.60
CA TRP B 234 26.24 -9.73 33.13
C TRP B 234 27.21 -8.74 32.50
N PRO B 235 27.45 -7.60 33.16
CA PRO B 235 28.46 -6.67 32.65
C PRO B 235 29.86 -7.10 33.03
N VAL B 236 30.76 -7.02 32.05
CA VAL B 236 32.17 -7.39 32.24
C VAL B 236 33.03 -6.31 31.57
N LYS B 237 34.33 -6.37 31.88
CA LYS B 237 35.28 -5.46 31.26
C LYS B 237 35.40 -5.75 29.76
N LYS B 238 35.63 -4.69 28.99
CA LYS B 238 35.78 -4.84 27.56
C LYS B 238 36.94 -5.77 27.23
N GLY B 239 36.69 -6.71 26.30
CA GLY B 239 37.65 -7.71 25.92
C GLY B 239 37.41 -9.07 26.57
N THR B 240 36.79 -9.08 27.75
CA THR B 240 36.47 -10.32 28.44
C THR B 240 35.22 -11.00 27.90
N GLU B 241 34.57 -10.41 26.89
CA GLU B 241 33.32 -10.96 26.37
C GLU B 241 33.54 -12.25 25.58
N GLY B 242 34.74 -12.44 25.01
CA GLY B 242 34.96 -13.59 24.15
C GLY B 242 34.91 -14.92 24.89
N GLU B 243 35.21 -14.92 26.19
CA GLU B 243 35.25 -16.16 26.94
C GLU B 243 33.86 -16.80 27.05
N TRP B 244 32.80 -15.99 26.97
CA TRP B 244 31.44 -16.47 27.18
C TRP B 244 30.58 -16.47 25.92
N LEU B 245 31.06 -15.90 24.83
CA LEU B 245 30.27 -15.81 23.61
C LEU B 245 30.56 -16.99 22.69
N GLY B 246 29.57 -17.36 21.90
CA GLY B 246 29.70 -18.43 20.94
C GLY B 246 29.07 -19.72 21.42
N GLU B 247 28.72 -20.57 20.45
CA GLU B 247 28.17 -21.89 20.77
C GLU B 247 29.20 -22.78 21.46
N GLU B 248 30.48 -22.56 21.18
CA GLU B 248 31.52 -23.41 21.73
C GLU B 248 31.61 -23.28 23.25
N ASN B 249 31.20 -22.14 23.80
CA ASN B 249 31.25 -21.89 25.24
C ASN B 249 29.86 -21.86 25.87
N ASP B 250 28.97 -22.73 25.38
CA ASP B 250 27.62 -22.78 25.95
C ASP B 250 27.63 -23.35 27.35
N GLN B 251 28.31 -24.48 27.55
CA GLN B 251 28.37 -25.08 28.88
C GLN B 251 29.29 -24.27 29.81
N HIS B 252 30.37 -23.70 29.26
CA HIS B 252 31.25 -22.87 30.06
C HIS B 252 30.51 -21.67 30.64
N PHE B 253 29.56 -21.12 29.87
CA PHE B 253 28.72 -20.05 30.39
C PHE B 253 27.77 -20.56 31.45
N LEU B 254 27.21 -21.76 31.25
CA LEU B 254 26.34 -22.35 32.26
C LEU B 254 27.11 -22.72 33.52
N ASP B 255 28.39 -23.08 33.38
CA ASP B 255 29.19 -23.41 34.55
C ASP B 255 29.45 -22.18 35.41
N ALA B 256 29.70 -21.04 34.78
CA ALA B 256 29.91 -19.81 35.54
C ALA B 256 28.65 -19.38 36.26
N LEU B 257 27.48 -19.58 35.65
CA LEU B 257 26.23 -19.27 36.33
C LEU B 257 25.94 -20.24 37.46
N GLN B 258 26.32 -21.51 37.30
CA GLN B 258 26.04 -22.50 38.33
C GLN B 258 26.90 -22.28 39.56
N LYS B 259 28.22 -22.14 39.37
CA LYS B 259 29.12 -21.95 40.49
C LYS B 259 28.90 -20.61 41.20
N THR B 260 28.29 -19.65 40.51
CA THR B 260 28.00 -18.36 41.15
C THR B 260 26.75 -18.46 42.01
N TYR B 261 25.67 -19.02 41.47
CA TYR B 261 24.40 -19.08 42.17
C TYR B 261 24.18 -20.38 42.94
N GLY B 262 25.01 -21.39 42.71
CA GLY B 262 24.87 -22.64 43.42
C GLY B 262 23.57 -23.35 43.11
N ASP B 263 22.67 -23.42 44.10
CA ASP B 263 21.38 -24.07 43.94
C ASP B 263 20.21 -23.13 44.23
N ARG B 264 20.46 -21.82 44.31
CA ARG B 264 19.37 -20.88 44.55
C ARG B 264 18.38 -20.85 43.40
N ALA B 265 18.84 -21.10 42.18
CA ALA B 265 17.98 -21.17 41.01
C ALA B 265 17.89 -22.58 40.44
N GLY B 266 18.43 -23.57 41.14
CA GLY B 266 18.47 -24.92 40.61
C GLY B 266 19.62 -25.10 39.62
N LYS B 267 19.45 -26.05 38.72
CA LYS B 267 20.44 -26.31 37.68
C LYS B 267 20.13 -25.48 36.45
N PHE B 268 21.15 -24.78 35.93
CA PHE B 268 21.02 -24.04 34.68
C PHE B 268 21.08 -25.05 33.54
N GLU B 269 19.90 -25.45 33.06
CA GLU B 269 19.82 -26.57 32.12
C GLU B 269 20.22 -26.15 30.70
N LYS B 270 19.65 -25.06 30.20
CA LYS B 270 19.89 -24.61 28.85
C LYS B 270 20.15 -23.11 28.83
N THR B 271 20.83 -22.66 27.78
CA THR B 271 21.11 -21.24 27.58
C THR B 271 20.99 -20.93 26.10
N GLY B 272 20.57 -19.70 25.81
CA GLY B 272 20.49 -19.21 24.45
C GLY B 272 21.77 -18.52 24.03
N LYS B 273 21.69 -17.84 22.88
CA LYS B 273 22.82 -17.07 22.40
C LYS B 273 23.07 -15.87 23.30
N ARG B 274 24.35 -15.61 23.58
CA ARG B 274 24.75 -14.49 24.42
C ARG B 274 24.99 -13.27 23.56
N PHE B 275 24.25 -12.20 23.82
CA PHE B 275 24.39 -10.94 23.10
C PHE B 275 25.32 -10.00 23.85
N SER B 276 25.99 -9.14 23.10
CA SER B 276 26.95 -8.19 23.67
C SER B 276 26.75 -6.84 23.02
N TYR B 277 26.63 -5.80 23.84
CA TYR B 277 26.55 -4.43 23.38
C TYR B 277 27.33 -3.55 24.34
N PRO B 278 28.26 -2.73 23.85
CA PRO B 278 29.05 -1.89 24.76
C PRO B 278 28.17 -0.86 25.45
N LEU B 279 28.51 -0.58 26.71
CA LEU B 279 27.79 0.41 27.50
C LEU B 279 28.27 1.80 27.13
N SER B 280 27.35 2.65 26.66
CA SER B 280 27.70 4.00 26.25
C SER B 280 26.45 4.87 26.31
N GLN B 281 26.66 6.17 26.13
CA GLN B 281 25.59 7.16 26.14
C GLN B 281 25.78 8.10 24.96
N VAL B 282 24.76 8.20 24.10
CA VAL B 282 24.76 9.12 22.98
C VAL B 282 23.66 10.13 23.23
N LEU B 283 24.04 11.36 23.54
CA LEU B 283 23.10 12.41 23.91
C LEU B 283 23.15 13.54 22.89
N ALA B 284 22.00 13.89 22.34
CA ALA B 284 21.93 15.00 21.40
C ALA B 284 22.09 16.33 22.13
N HIS B 285 22.71 17.30 21.43
CA HIS B 285 22.91 18.61 22.02
C HIS B 285 21.60 19.34 22.22
N LYS B 286 20.67 19.20 21.27
CA LYS B 286 19.35 19.79 21.35
C LYS B 286 18.30 18.75 21.00
N GLN B 287 17.06 19.05 21.33
CA GLN B 287 15.93 18.18 21.01
C GLN B 287 14.84 18.86 20.20
N ALA B 288 14.72 20.19 20.26
CA ALA B 288 13.70 20.93 19.53
C ALA B 288 14.38 21.97 18.66
N VAL B 289 14.20 21.85 17.35
CA VAL B 289 14.71 22.81 16.38
C VAL B 289 13.53 23.18 15.48
N GLY B 290 12.96 24.37 15.69
CA GLY B 290 11.81 24.79 14.93
C GLY B 290 10.60 23.93 15.19
N ARG B 291 10.13 23.22 14.16
CA ARG B 291 8.97 22.34 14.28
C ARG B 291 9.37 20.87 14.27
N VAL B 292 10.63 20.56 14.54
CA VAL B 292 11.13 19.20 14.61
C VAL B 292 11.50 18.90 16.05
N ILE B 293 11.06 17.74 16.55
CA ILE B 293 11.38 17.31 17.91
C ILE B 293 11.98 15.91 17.84
N LEU B 294 13.04 15.69 18.62
CA LEU B 294 13.69 14.40 18.71
C LEU B 294 13.11 13.61 19.88
N MET B 295 12.76 12.35 19.62
CA MET B 295 12.16 11.48 20.63
C MET B 295 12.86 10.13 20.61
N GLY B 296 13.20 9.63 21.80
CA GLY B 296 13.80 8.32 21.93
C GLY B 296 15.30 8.32 21.81
N ASN B 297 15.85 7.29 21.15
CA ASN B 297 17.30 7.21 20.97
C ASN B 297 17.84 8.33 20.10
N ALA B 298 16.99 8.98 19.30
CA ALA B 298 17.42 10.14 18.54
C ALA B 298 17.82 11.29 19.44
N ALA B 299 17.19 11.39 20.61
CA ALA B 299 17.53 12.42 21.58
C ALA B 299 18.55 11.93 22.62
N HIS B 300 18.45 10.68 23.04
CA HIS B 300 19.36 10.13 24.03
C HIS B 300 19.32 8.62 23.96
N THR B 301 20.49 7.99 23.87
CA THR B 301 20.63 6.54 23.86
C THR B 301 21.34 6.13 25.14
N ILE B 302 20.59 5.63 26.11
CA ILE B 302 21.12 5.20 27.40
C ILE B 302 20.82 3.72 27.53
N HIS B 303 21.80 2.88 27.20
CA HIS B 303 21.66 1.42 27.20
C HIS B 303 21.94 0.75 28.54
N PRO B 304 22.95 1.18 29.32
CA PRO B 304 23.30 0.40 30.53
C PRO B 304 22.18 0.31 31.57
N VAL B 305 21.25 1.25 31.61
CA VAL B 305 20.21 1.26 32.63
C VAL B 305 19.22 0.13 32.40
N ALA B 306 18.42 -0.19 33.41
CA ALA B 306 17.39 -1.22 33.27
C ALA B 306 16.29 -0.72 32.35
N GLY B 307 16.00 -1.48 31.31
CA GLY B 307 15.06 -1.08 30.28
C GLY B 307 15.70 -0.47 29.06
N GLN B 308 17.02 -0.28 29.06
CA GLN B 308 17.77 0.24 27.91
C GLN B 308 17.28 1.64 27.51
N GLY B 309 16.86 2.43 28.48
CA GLY B 309 16.38 3.77 28.23
C GLY B 309 14.96 3.85 27.69
N PHE B 310 14.29 2.70 27.49
CA PHE B 310 12.95 2.73 26.92
C PHE B 310 11.94 3.39 27.86
N ASN B 311 12.11 3.21 29.17
CA ASN B 311 11.18 3.82 30.13
C ASN B 311 11.28 5.34 30.08
N LEU B 312 12.48 5.88 29.89
CA LEU B 312 12.64 7.32 29.76
C LEU B 312 12.00 7.83 28.48
N CYS B 313 12.09 7.04 27.39
CA CYS B 313 11.46 7.44 26.14
C CYS B 313 9.95 7.44 26.25
N LEU B 314 9.38 6.45 26.94
CA LEU B 314 7.94 6.41 27.12
C LEU B 314 7.45 7.58 27.97
N ARG B 315 8.26 8.04 28.93
CA ARG B 315 7.90 9.22 29.69
C ARG B 315 7.97 10.47 28.82
N ASP B 316 8.97 10.57 27.95
CA ASP B 316 9.04 11.68 27.01
C ASP B 316 7.83 11.69 26.09
N ALA B 317 7.39 10.51 25.63
CA ALA B 317 6.23 10.42 24.76
C ALA B 317 4.96 10.85 25.48
N ASP B 318 4.79 10.39 26.72
CA ASP B 318 3.59 10.75 27.47
C ASP B 318 3.54 12.26 27.75
N VAL B 319 4.69 12.85 28.07
CA VAL B 319 4.71 14.28 28.37
C VAL B 319 4.53 15.11 27.10
N LEU B 320 5.18 14.71 26.01
CA LEU B 320 5.01 15.41 24.75
C LEU B 320 3.55 15.38 24.30
N LEU B 321 2.89 14.23 24.46
CA LEU B 321 1.48 14.12 24.11
C LEU B 321 0.65 15.17 24.84
N ARG B 322 0.99 15.46 26.09
CA ARG B 322 0.24 16.47 26.85
C ARG B 322 0.55 17.87 26.34
N TYR B 323 1.82 18.17 26.05
CA TYR B 323 2.18 19.50 25.58
C TYR B 323 1.58 19.79 24.21
N LEU B 324 1.35 18.76 23.40
CA LEU B 324 0.73 18.97 22.09
C LEU B 324 -0.78 19.12 22.20
N VAL B 325 -1.41 18.31 23.05
CA VAL B 325 -2.86 18.42 23.25
C VAL B 325 -3.21 19.76 23.88
N ASN B 326 -2.43 20.18 24.89
CA ASN B 326 -2.67 21.47 25.54
C ASN B 326 -2.44 22.62 24.56
N GLN B 327 -1.47 22.48 23.66
CA GLN B 327 -1.24 23.51 22.64
C GLN B 327 -2.44 23.61 21.70
N LEU B 328 -3.05 22.48 21.35
CA LEU B 328 -4.20 22.48 20.47
C LEU B 328 -5.42 23.16 21.08
N SER B 329 -5.45 23.30 22.41
CA SER B 329 -6.53 24.05 23.05
C SER B 329 -6.40 25.55 22.79
N ALA B 330 -5.21 26.03 22.43
CA ALA B 330 -4.99 27.45 22.20
C ALA B 330 -5.00 27.84 20.73
N SER B 331 -4.60 26.94 19.83
CA SER B 331 -4.53 27.25 18.42
C SER B 331 -4.55 25.95 17.63
N ASP B 332 -4.64 26.10 16.30
CA ASP B 332 -4.65 24.95 15.39
C ASP B 332 -3.25 24.48 15.04
N ASP B 333 -2.21 25.14 15.55
CA ASP B 333 -0.83 24.82 15.18
C ASP B 333 -0.26 23.84 16.22
N ILE B 334 -0.32 22.55 15.90
CA ILE B 334 0.24 21.53 16.78
C ILE B 334 1.76 21.54 16.79
N GLY B 335 2.39 22.22 15.84
CA GLY B 335 3.84 22.27 15.77
C GLY B 335 4.41 23.59 16.23
N ASN B 336 3.75 24.24 17.18
CA ASN B 336 4.20 25.50 17.72
C ASN B 336 5.63 25.37 18.25
N PRO B 337 6.60 26.08 17.67
CA PRO B 337 8.00 25.89 18.09
C PRO B 337 8.24 26.25 19.55
N ASP B 338 7.59 27.30 20.06
CA ASP B 338 7.76 27.66 21.45
C ASP B 338 7.21 26.59 22.39
N ASN B 339 6.16 25.89 21.98
CA ASN B 339 5.65 24.79 22.78
C ASN B 339 6.64 23.64 22.84
N LEU B 340 7.30 23.35 21.71
CA LEU B 340 8.30 22.29 21.70
C LEU B 340 9.49 22.63 22.58
N LEU B 341 9.88 23.92 22.61
CA LEU B 341 10.96 24.34 23.48
C LEU B 341 10.55 24.22 24.95
N ALA B 342 9.29 24.53 25.27
CA ALA B 342 8.82 24.38 26.64
C ALA B 342 8.75 22.92 27.04
N TYR B 343 8.40 22.04 26.11
CA TYR B 343 8.40 20.61 26.39
C TYR B 343 9.81 20.13 26.71
N GLU B 344 10.80 20.56 25.93
CA GLU B 344 12.18 20.14 26.15
C GLU B 344 12.68 20.62 27.51
N GLN B 345 12.31 21.84 27.90
CA GLN B 345 12.70 22.34 29.22
C GLN B 345 12.07 21.53 30.34
N ALA B 346 10.84 21.04 30.12
CA ALA B 346 10.16 20.25 31.14
C ALA B 346 10.75 18.86 31.29
N ARG B 347 11.48 18.37 30.29
CA ARG B 347 12.09 17.05 30.33
C ARG B 347 13.55 17.08 30.74
N LEU B 348 14.15 18.27 30.87
CA LEU B 348 15.59 18.36 31.10
C LEU B 348 15.98 17.73 32.44
N SER B 349 15.22 18.01 33.49
CA SER B 349 15.59 17.52 34.82
C SER B 349 15.50 16.00 34.88
N ASP B 350 14.46 15.41 34.30
CA ASP B 350 14.30 13.96 34.36
C ASP B 350 15.35 13.26 33.50
N GLN B 351 15.71 13.84 32.36
CA GLN B 351 16.70 13.21 31.49
C GLN B 351 18.09 13.29 32.09
N GLN B 352 18.47 14.46 32.61
CA GLN B 352 19.77 14.59 33.25
C GLN B 352 19.89 13.69 34.48
N ARG B 353 18.78 13.48 35.20
CA ARG B 353 18.82 12.61 36.35
C ARG B 353 19.04 11.15 35.95
N VAL B 354 18.43 10.73 34.84
CA VAL B 354 18.64 9.37 34.34
C VAL B 354 20.05 9.22 33.79
N ILE B 355 20.53 10.25 33.08
CA ILE B 355 21.90 10.20 32.54
C ILE B 355 22.91 10.11 33.66
N LYS B 356 22.71 10.88 34.74
CA LYS B 356 23.60 10.80 35.88
C LYS B 356 23.44 9.47 36.61
N PHE B 357 22.20 8.96 36.69
CA PHE B 357 21.96 7.66 37.31
C PHE B 357 22.65 6.55 36.53
N CYS B 358 22.75 6.69 35.21
CA CYS B 358 23.46 5.69 34.41
C CYS B 358 24.94 5.66 34.76
N ASP B 359 25.54 6.83 34.99
CA ASP B 359 26.94 6.87 35.39
C ASP B 359 27.15 6.17 36.74
N THR B 360 26.21 6.36 37.67
CA THR B 360 26.35 5.74 38.98
C THR B 360 26.26 4.22 38.90
N VAL B 361 25.38 3.71 38.03
CA VAL B 361 25.20 2.27 37.93
C VAL B 361 26.44 1.60 37.34
N VAL B 362 26.97 2.18 36.24
CA VAL B 362 28.13 1.58 35.60
C VAL B 362 29.35 1.65 36.51
N ARG B 363 29.57 2.78 37.17
CA ARG B 363 30.68 2.89 38.11
C ARG B 363 30.46 2.03 39.35
N GLY B 364 29.23 1.58 39.60
CA GLY B 364 28.96 0.67 40.69
C GLY B 364 29.26 -0.78 40.40
N PHE B 365 29.49 -1.13 39.13
CA PHE B 365 29.84 -2.51 38.80
C PHE B 365 31.17 -2.92 39.40
N SER B 366 32.08 -1.96 39.61
CA SER B 366 33.37 -2.27 40.22
C SER B 366 33.25 -2.53 41.72
N ASN B 367 32.17 -2.10 42.35
CA ASN B 367 32.01 -2.23 43.79
C ASN B 367 31.58 -3.65 44.13
N GLN B 368 32.51 -4.44 44.65
CA GLN B 368 32.18 -5.75 45.20
C GLN B 368 31.89 -5.62 46.69
N ASN B 369 30.99 -6.47 47.18
CA ASN B 369 30.46 -6.40 48.54
C ASN B 369 29.86 -5.03 48.84
N PRO B 370 28.81 -4.60 48.12
CA PRO B 370 28.17 -3.32 48.47
C PRO B 370 27.20 -3.41 49.63
N LEU B 371 26.65 -4.59 49.93
CA LEU B 371 25.77 -4.73 51.07
C LEU B 371 26.50 -4.49 52.38
N LEU B 372 27.75 -4.93 52.46
CA LEU B 372 28.54 -4.80 53.68
C LEU B 372 29.30 -3.49 53.76
N LYS B 373 29.40 -2.75 52.65
CA LYS B 373 29.81 -1.35 52.74
C LYS B 373 28.68 -0.51 53.33
N LEU B 374 27.43 -0.89 53.05
CA LEU B 374 26.30 -0.22 53.71
C LEU B 374 26.28 -0.53 55.20
N ILE B 375 26.60 -1.77 55.58
CA ILE B 375 26.67 -2.13 56.99
C ILE B 375 27.75 -1.30 57.69
N ARG B 376 28.90 -1.13 57.04
CA ARG B 376 29.97 -0.33 57.63
C ARG B 376 29.58 1.14 57.70
N ASN B 377 28.92 1.65 56.66
CA ASN B 377 28.58 3.07 56.60
C ASN B 377 27.51 3.45 57.62
N THR B 378 26.91 2.49 58.33
CA THR B 378 26.04 2.82 59.44
C THR B 378 26.80 3.27 60.68
N GLY B 379 28.10 2.96 60.75
CA GLY B 379 28.89 3.31 61.91
C GLY B 379 28.47 2.63 63.19
N LEU B 380 27.75 1.51 63.08
CA LEU B 380 27.20 0.84 64.25
C LEU B 380 28.15 -0.17 64.86
N ILE B 381 28.90 -0.90 64.03
CA ILE B 381 29.82 -1.91 64.52
C ILE B 381 31.23 -1.53 64.09
N ALA B 382 32.21 -2.10 64.79
CA ALA B 382 33.61 -1.70 64.66
C ALA B 382 34.33 -2.62 63.68
N PHE B 383 34.51 -2.14 62.45
CA PHE B 383 35.38 -2.80 61.50
C PHE B 383 36.82 -2.33 61.71
N ASP B 384 37.73 -2.82 60.88
CA ASP B 384 39.14 -2.45 60.99
C ASP B 384 39.75 -1.91 59.70
N VAL B 385 39.06 -2.02 58.57
CA VAL B 385 39.53 -1.55 57.26
C VAL B 385 40.76 -2.33 56.78
#